data_9EL8
#
_entry.id   9EL8
#
_cell.length_a   121.485
_cell.length_b   178.279
_cell.length_c   234.613
_cell.angle_alpha   90.00
_cell.angle_beta   90.00
_cell.angle_gamma   90.00
#
_symmetry.space_group_name_H-M   'I 2 2 2'
#
loop_
_entity.id
_entity.type
_entity.pdbx_description
1 polymer 'Lysine-specific histone demethylase 1A'
2 polymer 'REST corepressor 1'
3 non-polymer '[(2R,3S,4R,5R)-5-(6-amino-9H-purin-9-yl)-3,4-dihydroxyoxolan-2-yl]methyl (2S,3R,4S)-2,3,4-trihydroxy-5-[(1R,3R,3aS,13R)-1-hydroxy-10,11-dimethyl-3-{3-[(5-methyl-1,3,4-thiadiazol-2-yl)carbamoyl]phenyl}-4,6-dioxo-2,3,5,6-tetrahydro-1H-benzo[g]pyrrolo[2,1-e]pteridin-8(4H)-yl]pentyl dihydrogen diphosphate (non-preferred name)'
4 non-polymer 3-[(1R,2S)-2-(cyclobutylamino)cyclopropyl]-N-(5-methyl-1,3,4-thiadiazol-2-yl)benzamide
#
loop_
_entity_poly.entity_id
_entity_poly.type
_entity_poly.pdbx_seq_one_letter_code
_entity_poly.pdbx_strand_id
1 'polypeptide(L)'
;GSSHHHHHHSSGLVPRGSHMLSGKKAAAAAAAAAAAATGTEAGPGTAGGSENGSEVAAQPAGLSGPAEVGPGAVGERTPR
KKEPPRASPPGGLAEPPGSAGPQAGPTVVPGSATPMETGIAETPEGRRTSRRKRAKVEYREMDESLANLSEDEYYSEEER
NAKAEKEKKLPPPPPQAPPEEENESEPEEPSGVEGAAFQSRLPHDRMTSQEAACFPDIISGPQQTQKVFLFIRNRTLQLW
LDNPKIQLTFEATLQQLEAPYNSDTVLVHRVHSYLERHGLINFGIYKRIKPLPTKKTGKVIIIGSGVSGLAAARQLQSFG
MDVTLLEARDRVGGRVATFRKGNYVADLGAMVVTGLGGNPMAVVSKQVNMELAKIKQKCPLYEANGQAVPKEKDEMVEQE
FNRLLEATSYLSHQLDFNVLNNKPVSLGQALEVVIQLQEKHVKDEQIEHWKKIVKTQEELKELLNKMVNLKEKIKELHQQ
YKEASEVKPPRDITAEFLVKSKHRDLTALCKEYDELAETQGKLEEKLQELEANPPSDVYLSSRDRQILDWHFANLEFANA
TPLSTLSLKHWDQDDDFEFTGSHLTVRNGYSCVPVALAEGLDIKLNTAVRQVRYTASGCEVIAVNTRSTSQTFIYKCDAV
LCTLPLGVLKQQPPAVQFVPPLPEWKTSAVQRMGFGNLNKVVLCFDRVFWDPSVNLFGHVGSTTASRGELFLFWNLYKAP
ILLALVAGEAAGIMENISDDVIVGRCLAILKGIFGSSAVPQPKETVVSRWRADPWARGSYSYVAAGSSGNDYDLMAQPIT
PGPSIPGAPQPIPRLFFAGEHTIRNYPATVHGALLSGLREAGRIADQFLGAMYTLPRQATPGVPAQQSPSM
;
A
2 'polypeptide(L)'
;GPLGSPEFRAKRKPPKGMFLSQEDVEAVSANATAATTVLRQLDMELVSVKRQIQNIKQTNSALKEKLDGGIEPYRLPEVI
QKCNARWTTEEQLLAVQAIRKYGRDFQAISDVIGNKSVVQVKNFFVNYRRRFNIDEVLQEWEAE
;
B
#
loop_
_chem_comp.id
_chem_comp.type
_chem_comp.name
_chem_comp.formula
XHT non-polymer '[(2R,3S,4R,5R)-5-(6-amino-9H-purin-9-yl)-3,4-dihydroxyoxolan-2-yl]methyl (2S,3R,4S)-2,3,4-trihydroxy-5-[(1R,3R,3aS,13R)-1-hydroxy-10,11-dimethyl-3-{3-[(5-methyl-1,3,4-thiadiazol-2-yl)carbamoyl]phenyl}-4,6-dioxo-2,3,5,6-tetrahydro-1H-benzo[g]pyrrolo[2,1-e]pteridin-8(4H)-yl]pentyl dihydrogen diphosphate (non-preferred name)' 'C40 H46 N12 O17 P2 S'
XHX non-polymer 3-[(1R,2S)-2-(cyclobutylamino)cyclopropyl]-N-(5-methyl-1,3,4-thiadiazol-2-yl)benzamide 'C17 H20 N4 O S'
#
# COMPACT_ATOMS: atom_id res chain seq x y z
N SER A 191 12.78 28.06 -7.92
CA SER A 191 12.82 29.27 -8.75
C SER A 191 14.26 29.70 -9.03
N GLY A 192 14.42 30.43 -10.15
CA GLY A 192 15.71 31.01 -10.49
C GLY A 192 16.43 30.19 -11.54
N VAL A 193 17.76 30.14 -11.48
CA VAL A 193 18.45 29.17 -12.30
C VAL A 193 18.15 27.78 -11.77
N GLU A 194 18.07 27.65 -10.44
CA GLU A 194 17.88 26.34 -9.83
C GLU A 194 16.56 25.72 -10.23
N GLY A 195 15.53 26.54 -10.50
CA GLY A 195 14.27 25.99 -10.97
C GLY A 195 14.44 25.20 -12.24
N ALA A 196 15.31 25.68 -13.13
CA ALA A 196 15.52 25.03 -14.41
C ALA A 196 16.22 23.69 -14.26
N ALA A 197 17.10 23.54 -13.26
CA ALA A 197 17.70 22.23 -13.02
C ALA A 197 16.65 21.23 -12.54
N PHE A 198 15.82 21.64 -11.58
CA PHE A 198 14.72 20.81 -11.13
C PHE A 198 13.78 20.49 -12.30
N GLN A 199 13.49 21.49 -13.12
CA GLN A 199 12.58 21.28 -14.23
C GLN A 199 13.19 20.41 -15.32
N SER A 200 14.49 20.15 -15.25
CA SER A 200 15.18 19.28 -16.18
C SER A 200 15.61 17.97 -15.50
N ARG A 201 14.95 17.60 -14.41
CA ARG A 201 15.25 16.36 -13.67
C ARG A 201 16.68 16.32 -13.14
N LEU A 202 17.29 17.48 -12.84
CA LEU A 202 18.73 17.56 -12.53
C LEU A 202 19.02 18.27 -11.21
N PRO A 203 19.94 17.73 -10.39
CA PRO A 203 20.38 18.44 -9.19
C PRO A 203 21.08 19.74 -9.56
N HIS A 204 20.60 20.84 -8.99
CA HIS A 204 21.15 22.14 -9.36
C HIS A 204 22.54 22.40 -8.80
N ASP A 205 23.00 21.61 -7.81
CA ASP A 205 24.22 21.93 -7.09
C ASP A 205 25.23 20.79 -7.08
N ARG A 206 25.04 19.80 -7.92
CA ARG A 206 25.93 18.66 -8.01
C ARG A 206 25.93 18.29 -9.48
N MET A 207 27.03 17.72 -9.96
CA MET A 207 27.07 17.28 -11.34
C MET A 207 26.67 15.81 -11.42
N THR A 208 25.89 15.48 -12.45
CA THR A 208 25.37 14.12 -12.60
C THR A 208 26.46 13.21 -13.13
N SER A 209 26.17 11.91 -13.09
CA SER A 209 27.09 10.94 -13.68
C SER A 209 27.22 11.14 -15.19
N GLN A 210 26.12 11.55 -15.86
CA GLN A 210 26.17 12.01 -17.25
C GLN A 210 27.36 12.94 -17.45
N GLU A 211 27.39 14.01 -16.64
CA GLU A 211 28.23 15.16 -16.88
C GLU A 211 29.68 14.85 -16.52
N ALA A 212 29.88 14.12 -15.44
CA ALA A 212 31.20 13.57 -15.16
C ALA A 212 31.77 12.87 -16.40
N ALA A 213 30.93 12.20 -17.17
CA ALA A 213 31.43 11.49 -18.33
C ALA A 213 31.95 12.47 -19.38
N CYS A 214 31.17 13.51 -19.68
CA CYS A 214 31.60 14.46 -20.70
C CYS A 214 32.60 15.47 -20.17
N PHE A 215 32.54 15.76 -18.88
CA PHE A 215 33.45 16.79 -18.32
C PHE A 215 34.22 16.24 -17.14
N PRO A 216 35.14 15.29 -17.33
CA PRO A 216 35.91 14.78 -16.23
C PRO A 216 36.97 15.78 -15.75
N ASP A 217 37.33 16.75 -16.57
CA ASP A 217 38.31 17.75 -16.10
C ASP A 217 37.61 18.51 -14.98
N ILE A 218 36.38 18.91 -15.22
CA ILE A 218 35.65 19.74 -14.24
C ILE A 218 35.43 18.97 -12.95
N ILE A 219 34.87 17.78 -13.03
CA ILE A 219 34.46 17.13 -11.80
C ILE A 219 35.68 16.75 -10.96
N SER A 220 36.78 16.34 -11.60
CA SER A 220 37.97 16.01 -10.83
C SER A 220 38.75 17.25 -10.42
N GLY A 221 38.29 18.43 -10.87
CA GLY A 221 38.97 19.67 -10.65
C GLY A 221 38.42 20.47 -9.48
N PRO A 222 38.89 21.71 -9.35
CA PRO A 222 38.55 22.53 -8.18
C PRO A 222 37.06 22.89 -8.08
N GLN A 223 36.54 22.81 -6.84
CA GLN A 223 35.11 23.03 -6.59
C GLN A 223 34.61 24.36 -7.12
N GLN A 224 35.50 25.32 -7.37
CA GLN A 224 35.05 26.59 -7.92
C GLN A 224 34.60 26.43 -9.35
N THR A 225 35.42 25.76 -10.19
CA THR A 225 35.03 25.58 -11.59
C THR A 225 33.73 24.79 -11.69
N GLN A 226 33.56 23.76 -10.84
CA GLN A 226 32.29 23.02 -10.80
C GLN A 226 31.11 23.98 -10.67
N LYS A 227 31.19 24.91 -9.70
CA LYS A 227 30.08 25.84 -9.46
C LYS A 227 29.82 26.72 -10.66
N VAL A 228 30.90 27.13 -11.35
CA VAL A 228 30.80 27.85 -12.62
C VAL A 228 30.01 26.99 -13.58
N PHE A 229 30.59 25.85 -13.96
CA PHE A 229 29.93 24.86 -14.79
C PHE A 229 28.45 24.74 -14.46
N LEU A 230 28.18 24.41 -13.20
CA LEU A 230 26.82 24.15 -12.77
C LEU A 230 25.93 25.32 -13.09
N PHE A 231 26.40 26.53 -12.78
CA PHE A 231 25.63 27.72 -13.14
C PHE A 231 25.44 27.81 -14.65
N ILE A 232 26.52 27.61 -15.41
CA ILE A 232 26.42 27.67 -16.87
C ILE A 232 25.39 26.69 -17.36
N ARG A 233 25.43 25.46 -16.85
CA ARG A 233 24.40 24.49 -17.20
C ARG A 233 23.03 25.01 -16.78
N ASN A 234 22.88 25.32 -15.48
CA ASN A 234 21.58 25.68 -14.93
C ASN A 234 21.02 26.88 -15.67
N ARG A 235 21.87 27.88 -15.91
CA ARG A 235 21.47 29.02 -16.73
C ARG A 235 20.96 28.54 -18.08
N THR A 236 21.80 27.87 -18.83
CA THR A 236 21.46 27.51 -20.20
C THR A 236 20.12 26.78 -20.26
N LEU A 237 19.92 25.85 -19.33
CA LEU A 237 18.62 25.19 -19.17
C LEU A 237 17.50 26.21 -19.04
N GLN A 238 17.63 27.14 -18.09
CA GLN A 238 16.67 28.23 -17.93
C GLN A 238 16.34 28.84 -19.29
N LEU A 239 17.37 29.38 -19.94
CA LEU A 239 17.19 30.07 -21.21
C LEU A 239 16.28 29.28 -22.15
N TRP A 240 16.63 28.01 -22.40
CA TRP A 240 15.77 27.14 -23.20
C TRP A 240 14.35 27.10 -22.66
N LEU A 241 14.21 26.99 -21.34
CA LEU A 241 12.90 26.66 -20.76
C LEU A 241 11.94 27.84 -20.83
N ASP A 242 12.45 29.06 -20.63
CA ASP A 242 11.58 30.24 -20.59
C ASP A 242 10.97 30.53 -21.96
N ASN A 243 11.67 30.19 -23.03
CA ASN A 243 11.09 30.18 -24.37
C ASN A 243 11.49 28.89 -25.08
N PRO A 244 10.65 27.88 -25.07
CA PRO A 244 11.01 26.62 -25.70
C PRO A 244 10.44 26.50 -27.10
N LYS A 245 10.01 27.61 -27.68
CA LYS A 245 9.47 27.55 -29.03
C LYS A 245 10.51 27.86 -30.11
N ILE A 246 11.66 28.40 -29.74
CA ILE A 246 12.72 28.72 -30.69
C ILE A 246 14.01 28.04 -30.25
N GLN A 247 14.84 27.69 -31.23
CA GLN A 247 16.14 27.12 -30.97
C GLN A 247 16.95 28.01 -30.03
N LEU A 248 17.74 27.40 -29.16
CA LEU A 248 18.68 28.11 -28.32
C LEU A 248 20.08 27.86 -28.86
N THR A 249 20.53 28.74 -29.74
CA THR A 249 21.85 28.62 -30.34
C THR A 249 22.92 28.94 -29.31
N PHE A 250 24.15 28.52 -29.63
CA PHE A 250 25.25 28.74 -28.69
C PHE A 250 25.52 30.22 -28.49
N GLU A 251 25.44 30.99 -29.57
CA GLU A 251 25.70 32.43 -29.49
C GLU A 251 24.65 33.11 -28.63
N ALA A 252 23.37 32.88 -28.93
CA ALA A 252 22.26 33.34 -28.08
C ALA A 252 22.58 33.10 -26.61
N THR A 253 23.05 31.91 -26.34
CA THR A 253 23.37 31.58 -24.94
C THR A 253 24.45 32.52 -24.45
N LEU A 254 25.54 32.60 -25.19
CA LEU A 254 26.69 33.42 -24.73
C LEU A 254 26.26 34.86 -24.51
N GLN A 255 25.50 35.42 -25.45
CA GLN A 255 25.05 36.82 -25.33
C GLN A 255 24.37 37.03 -23.99
N GLN A 256 23.36 36.21 -23.66
CA GLN A 256 22.59 36.38 -22.41
C GLN A 256 23.41 35.99 -21.20
N LEU A 257 24.41 35.14 -21.36
CA LEU A 257 25.26 34.75 -20.21
C LEU A 257 26.09 35.96 -19.81
N GLU A 258 26.38 36.12 -18.52
CA GLU A 258 27.14 37.31 -18.07
C GLU A 258 28.46 36.89 -17.41
N ALA A 259 29.34 37.86 -17.18
CA ALA A 259 30.65 37.60 -16.56
C ALA A 259 30.44 37.39 -15.07
N PRO A 260 31.29 36.60 -14.40
CA PRO A 260 32.53 36.11 -14.98
C PRO A 260 32.32 34.76 -15.68
N TYR A 261 31.08 34.30 -15.70
CA TYR A 261 30.70 33.01 -16.29
C TYR A 261 30.91 33.02 -17.80
N ASN A 262 30.78 34.17 -18.45
CA ASN A 262 30.98 34.17 -19.92
C ASN A 262 32.41 34.58 -20.27
N SER A 263 33.40 34.03 -19.59
CA SER A 263 34.80 34.38 -19.88
C SER A 263 35.42 33.23 -20.67
N ASP A 264 35.03 32.02 -20.29
CA ASP A 264 35.58 30.80 -20.90
C ASP A 264 34.63 30.29 -21.97
N THR A 265 34.69 30.87 -23.15
CA THR A 265 33.77 30.49 -24.24
C THR A 265 33.80 28.99 -24.53
N VAL A 266 34.98 28.37 -24.48
CA VAL A 266 35.05 26.90 -24.76
C VAL A 266 34.11 26.18 -23.81
N LEU A 267 34.24 26.42 -22.51
CA LEU A 267 33.38 25.75 -21.51
C LEU A 267 31.92 26.00 -21.84
N VAL A 268 31.55 27.23 -22.13
CA VAL A 268 30.14 27.47 -22.50
C VAL A 268 29.82 26.68 -23.76
N HIS A 269 30.70 26.71 -24.74
CA HIS A 269 30.38 25.94 -25.97
C HIS A 269 30.32 24.48 -25.60
N ARG A 270 31.25 24.02 -24.77
CA ARG A 270 31.27 22.60 -24.38
C ARG A 270 29.94 22.26 -23.70
N VAL A 271 29.52 23.08 -22.76
CA VAL A 271 28.27 22.79 -22.02
C VAL A 271 27.08 22.81 -22.96
N HIS A 272 26.93 23.85 -23.75
CA HIS A 272 25.74 23.95 -24.62
C HIS A 272 25.65 22.78 -25.58
N SER A 273 26.76 22.33 -26.14
CA SER A 273 26.65 21.17 -27.05
C SER A 273 26.13 19.98 -26.26
N TYR A 274 26.70 19.72 -25.10
CA TYR A 274 26.27 18.58 -24.25
C TYR A 274 24.78 18.64 -23.99
N LEU A 275 24.28 19.80 -23.61
CA LEU A 275 22.84 19.93 -23.37
C LEU A 275 22.11 19.62 -24.66
N GLU A 276 22.56 20.19 -25.76
CA GLU A 276 21.87 19.96 -27.04
C GLU A 276 21.95 18.50 -27.43
N ARG A 277 23.08 17.85 -27.21
CA ARG A 277 23.19 16.44 -27.66
C ARG A 277 22.20 15.58 -26.91
N HIS A 278 22.06 15.78 -25.62
CA HIS A 278 21.21 14.88 -24.87
C HIS A 278 19.84 15.43 -24.62
N GLY A 279 19.31 16.21 -25.55
CA GLY A 279 17.92 16.61 -25.53
C GLY A 279 17.47 17.33 -24.27
N LEU A 280 18.40 17.96 -23.54
CA LEU A 280 17.94 18.80 -22.44
C LEU A 280 17.49 20.17 -22.92
N ILE A 281 17.95 20.59 -24.10
CA ILE A 281 17.57 21.85 -24.71
C ILE A 281 17.43 21.57 -26.20
N ASN A 282 16.63 22.40 -26.88
CA ASN A 282 16.43 22.27 -28.33
C ASN A 282 15.94 20.87 -28.67
N PHE A 283 14.90 20.45 -27.97
CA PHE A 283 14.23 19.20 -28.21
C PHE A 283 12.75 19.50 -28.37
N GLY A 284 12.03 18.58 -28.96
CA GLY A 284 10.61 18.79 -29.19
C GLY A 284 10.40 19.46 -30.52
N ILE A 285 9.56 20.49 -30.54
CA ILE A 285 9.19 21.15 -31.77
C ILE A 285 9.51 22.64 -31.63
N TYR A 286 10.52 23.10 -32.36
CA TYR A 286 11.02 24.46 -32.23
C TYR A 286 11.37 24.96 -33.62
N LYS A 287 11.18 26.25 -33.84
CA LYS A 287 11.60 26.85 -35.13
C LYS A 287 13.11 27.00 -34.99
N ARG A 288 13.88 26.47 -35.92
CA ARG A 288 15.34 26.55 -35.72
C ARG A 288 15.86 27.81 -36.37
N ILE A 289 16.82 28.45 -35.74
CA ILE A 289 17.44 29.65 -36.34
C ILE A 289 18.28 29.17 -37.51
N LYS A 290 19.42 28.55 -37.21
CA LYS A 290 20.33 28.03 -38.26
C LYS A 290 19.70 26.79 -38.89
N PRO A 291 19.23 26.83 -40.16
CA PRO A 291 18.56 25.70 -40.77
C PRO A 291 19.46 24.48 -40.97
N LEU A 292 18.82 23.34 -41.15
CA LEU A 292 19.48 22.02 -41.27
C LEU A 292 20.54 22.01 -42.36
N PRO A 293 21.67 21.33 -42.14
CA PRO A 293 22.71 21.21 -43.12
C PRO A 293 22.07 20.38 -44.23
N THR A 294 22.22 20.82 -45.46
CA THR A 294 21.63 20.17 -46.65
C THR A 294 22.18 18.76 -46.82
N LYS A 295 23.45 18.53 -46.51
CA LYS A 295 24.01 17.17 -46.66
C LYS A 295 24.04 16.52 -45.30
N LYS A 296 23.45 15.35 -45.20
CA LYS A 296 23.32 14.62 -43.93
C LYS A 296 24.46 13.62 -43.79
N THR A 297 24.68 13.13 -42.58
CA THR A 297 25.75 12.17 -42.36
C THR A 297 25.18 10.96 -41.66
N GLY A 298 25.29 9.77 -42.25
CA GLY A 298 24.84 8.54 -41.59
C GLY A 298 23.41 8.20 -41.87
N LYS A 299 23.07 6.91 -41.91
CA LYS A 299 21.67 6.57 -42.15
C LYS A 299 21.14 5.74 -40.99
N VAL A 300 20.05 6.19 -40.38
CA VAL A 300 19.50 5.45 -39.23
C VAL A 300 18.06 5.10 -39.50
N ILE A 301 17.76 3.83 -39.38
CA ILE A 301 16.40 3.30 -39.42
C ILE A 301 15.85 3.19 -38.00
N ILE A 302 14.71 3.82 -37.76
CA ILE A 302 13.98 3.71 -36.49
C ILE A 302 12.79 2.79 -36.66
N ILE A 303 12.67 1.78 -35.80
CA ILE A 303 11.52 0.89 -35.85
C ILE A 303 10.45 1.45 -34.92
N GLY A 304 9.35 1.90 -35.52
CA GLY A 304 8.18 2.30 -34.78
C GLY A 304 8.12 3.81 -34.63
N SER A 305 6.95 4.32 -34.94
CA SER A 305 6.67 5.76 -34.91
C SER A 305 5.93 6.07 -33.63
N GLY A 306 6.35 5.45 -32.53
CA GLY A 306 5.80 5.76 -31.21
C GLY A 306 6.46 6.99 -30.64
N VAL A 307 6.07 7.45 -29.47
CA VAL A 307 6.67 8.71 -28.95
C VAL A 307 8.17 8.55 -28.75
N SER A 308 8.65 7.40 -28.32
CA SER A 308 10.10 7.21 -28.21
C SER A 308 10.66 7.33 -29.61
N GLY A 309 10.05 6.65 -30.56
CA GLY A 309 10.54 6.70 -31.95
C GLY A 309 10.64 8.10 -32.47
N LEU A 310 9.54 8.84 -32.48
CA LEU A 310 9.57 10.20 -33.06
C LEU A 310 10.54 11.09 -32.32
N ALA A 311 10.62 10.98 -31.02
CA ALA A 311 11.55 11.82 -30.27
C ALA A 311 12.96 11.57 -30.78
N ALA A 312 13.35 10.33 -30.92
CA ALA A 312 14.70 10.08 -31.44
C ALA A 312 14.79 10.66 -32.84
N ALA A 313 13.83 10.32 -33.69
CA ALA A 313 13.82 10.79 -35.08
C ALA A 313 14.02 12.28 -35.14
N ARG A 314 13.13 13.07 -34.56
CA ARG A 314 13.28 14.52 -34.53
C ARG A 314 14.70 14.91 -34.11
N GLN A 315 15.21 14.28 -33.05
CA GLN A 315 16.53 14.63 -32.55
C GLN A 315 17.61 14.34 -33.58
N LEU A 316 17.54 13.16 -34.22
CA LEU A 316 18.59 12.77 -35.16
C LEU A 316 18.59 13.65 -36.39
N GLN A 317 17.44 13.74 -37.08
CA GLN A 317 17.30 14.76 -38.09
C GLN A 317 17.83 16.11 -37.62
N SER A 318 17.34 16.62 -36.48
CA SER A 318 17.89 17.81 -35.83
C SER A 318 19.43 17.84 -35.85
N PHE A 319 20.07 16.67 -35.79
CA PHE A 319 21.52 16.61 -35.69
C PHE A 319 22.21 16.45 -37.03
N GLY A 320 21.44 16.39 -38.11
CA GLY A 320 22.02 16.26 -39.42
C GLY A 320 22.19 14.82 -39.84
N MET A 321 21.30 13.95 -39.39
CA MET A 321 21.39 12.57 -39.79
C MET A 321 20.23 12.23 -40.71
N ASP A 322 20.39 11.14 -41.45
CA ASP A 322 19.34 10.67 -42.35
C ASP A 322 18.50 9.65 -41.59
N VAL A 323 17.29 10.05 -41.24
CA VAL A 323 16.42 9.26 -40.39
C VAL A 323 15.27 8.74 -41.22
N THR A 324 14.89 7.50 -40.99
CA THR A 324 13.65 6.97 -41.53
C THR A 324 12.99 6.04 -40.52
N LEU A 325 11.70 6.25 -40.28
CA LEU A 325 10.95 5.45 -39.34
C LEU A 325 10.07 4.49 -40.11
N LEU A 326 10.05 3.26 -39.64
CA LEU A 326 9.21 2.20 -40.21
C LEU A 326 8.08 2.00 -39.25
N GLU A 327 6.87 2.03 -39.76
CA GLU A 327 5.63 1.98 -38.98
C GLU A 327 4.81 0.79 -39.40
N ALA A 328 4.33 -0.02 -38.47
CA ALA A 328 3.48 -1.15 -38.86
C ALA A 328 2.08 -0.62 -39.03
N ARG A 329 1.74 0.36 -38.22
CA ARG A 329 0.38 0.89 -38.25
C ARG A 329 0.22 1.87 -39.42
N ASP A 330 -1.02 2.32 -39.57
CA ASP A 330 -1.35 3.35 -40.59
C ASP A 330 -1.39 4.70 -39.90
N ARG A 331 -0.82 4.80 -38.71
CA ARG A 331 -0.86 6.11 -38.03
C ARG A 331 0.30 6.19 -37.06
N VAL A 332 0.68 7.38 -36.66
CA VAL A 332 1.79 7.53 -35.68
C VAL A 332 1.23 7.51 -34.27
N GLY A 333 2.12 7.52 -33.29
CA GLY A 333 1.76 7.62 -31.87
C GLY A 333 1.72 6.30 -31.16
N GLY A 334 1.63 5.22 -31.90
CA GLY A 334 1.61 3.89 -31.27
C GLY A 334 0.63 3.80 -30.14
N ARG A 335 1.12 3.65 -28.91
CA ARG A 335 0.25 3.53 -27.76
C ARG A 335 -0.33 4.87 -27.31
N VAL A 336 -0.10 5.94 -28.06
CA VAL A 336 -0.85 7.17 -27.94
C VAL A 336 -1.85 7.13 -29.07
N ALA A 337 -3.03 6.58 -28.78
CA ALA A 337 -4.13 6.45 -29.70
C ALA A 337 -5.22 7.44 -29.33
N THR A 338 -5.88 8.02 -30.32
CA THR A 338 -6.98 8.92 -30.04
C THR A 338 -8.11 8.60 -30.98
N PHE A 339 -9.27 8.30 -30.40
CA PHE A 339 -10.48 8.13 -31.19
C PHE A 339 -11.03 9.49 -31.56
N ARG A 340 -11.49 9.62 -32.81
CA ARG A 340 -12.09 10.84 -33.33
C ARG A 340 -13.22 10.49 -34.30
N LYS A 341 -14.37 11.10 -34.06
CA LYS A 341 -15.54 10.97 -34.93
C LYS A 341 -16.42 12.17 -34.62
N GLY A 342 -16.63 13.03 -35.61
CA GLY A 342 -17.34 14.27 -35.36
C GLY A 342 -16.63 15.09 -34.30
N ASN A 343 -17.34 15.38 -33.21
CA ASN A 343 -16.78 16.10 -32.06
C ASN A 343 -16.36 15.16 -30.96
N TYR A 344 -16.65 13.87 -31.11
CA TYR A 344 -16.21 12.87 -30.15
C TYR A 344 -14.70 12.70 -30.24
N VAL A 345 -14.05 12.69 -29.08
CA VAL A 345 -12.61 12.56 -28.96
C VAL A 345 -12.30 11.83 -27.66
N ALA A 346 -11.60 10.70 -27.75
CA ALA A 346 -11.29 9.99 -26.51
C ALA A 346 -10.04 9.14 -26.72
N ASP A 347 -9.02 9.35 -25.89
CA ASP A 347 -7.81 8.55 -25.99
C ASP A 347 -8.09 7.10 -25.59
N LEU A 348 -7.94 6.19 -26.54
CA LEU A 348 -7.79 4.78 -26.20
C LEU A 348 -6.47 4.49 -25.52
N GLY A 349 -5.52 5.43 -25.58
CA GLY A 349 -4.17 5.20 -25.11
C GLY A 349 -3.89 6.00 -23.86
N ALA A 350 -2.77 6.70 -23.81
CA ALA A 350 -2.50 7.55 -22.67
C ALA A 350 -3.48 8.72 -22.63
N MET A 351 -3.73 9.22 -21.41
CA MET A 351 -4.68 10.29 -21.14
C MET A 351 -4.05 11.34 -20.25
N VAL A 352 -3.13 10.93 -19.39
CA VAL A 352 -2.75 11.72 -18.23
C VAL A 352 -1.32 12.21 -18.39
N VAL A 353 -1.13 13.47 -18.06
CA VAL A 353 0.24 14.06 -18.03
C VAL A 353 0.51 14.14 -16.54
N THR A 354 1.49 13.41 -16.05
CA THR A 354 1.56 13.32 -14.59
C THR A 354 2.27 14.48 -13.91
N GLY A 355 1.78 15.70 -14.02
CA GLY A 355 2.44 16.74 -13.20
C GLY A 355 3.52 17.45 -13.96
N LEU A 356 3.54 18.77 -13.93
CA LEU A 356 4.54 19.48 -14.74
C LEU A 356 5.81 19.76 -13.96
N GLY A 357 5.93 19.26 -12.75
CA GLY A 357 7.18 19.62 -12.05
C GLY A 357 8.31 18.76 -12.53
N GLY A 358 9.09 19.27 -13.46
CA GLY A 358 10.23 18.50 -14.00
C GLY A 358 9.80 17.58 -15.11
N ASN A 359 8.67 17.85 -15.72
CA ASN A 359 8.19 16.93 -16.76
C ASN A 359 8.47 17.48 -18.13
N PRO A 360 9.19 16.76 -19.01
CA PRO A 360 9.46 17.21 -20.33
C PRO A 360 8.13 17.49 -21.05
N MET A 361 7.05 16.81 -20.69
CA MET A 361 5.81 17.20 -21.36
C MET A 361 5.47 18.65 -21.09
N ALA A 362 5.92 19.21 -19.96
CA ALA A 362 5.71 20.63 -19.70
C ALA A 362 6.22 21.46 -20.84
N VAL A 363 7.42 21.15 -21.31
CA VAL A 363 7.98 21.82 -22.47
C VAL A 363 7.10 21.60 -23.69
N VAL A 364 6.78 20.34 -23.97
CA VAL A 364 6.04 20.02 -25.19
C VAL A 364 4.73 20.79 -25.24
N SER A 365 4.05 20.92 -24.10
CA SER A 365 2.73 21.56 -24.10
C SER A 365 2.83 23.03 -24.48
N LYS A 366 3.91 23.70 -24.08
CA LYS A 366 4.10 25.05 -24.57
C LYS A 366 4.33 25.03 -26.08
N GLN A 367 4.89 23.94 -26.61
CA GLN A 367 5.28 23.91 -28.02
C GLN A 367 4.11 23.55 -28.92
N VAL A 368 3.27 22.65 -28.44
CA VAL A 368 2.05 22.29 -29.19
C VAL A 368 0.90 22.67 -28.28
N ASN A 369 -0.09 23.40 -28.80
CA ASN A 369 -1.23 23.77 -27.94
C ASN A 369 -1.84 22.48 -27.43
N MET A 370 -1.88 22.31 -26.13
CA MET A 370 -2.49 21.07 -25.61
C MET A 370 -3.53 21.48 -24.58
N GLU A 371 -4.78 21.11 -24.80
CA GLU A 371 -5.83 21.46 -23.83
C GLU A 371 -5.55 20.64 -22.58
N LEU A 372 -4.82 21.20 -21.63
CA LEU A 372 -4.48 20.45 -20.40
C LEU A 372 -5.44 20.82 -19.28
N ALA A 373 -6.34 19.89 -18.94
CA ALA A 373 -7.34 20.10 -17.89
C ALA A 373 -6.95 19.27 -16.68
N LYS A 374 -7.08 19.84 -15.48
CA LYS A 374 -6.66 19.11 -14.26
C LYS A 374 -7.65 18.03 -13.88
N ILE A 375 -7.19 17.14 -13.02
CA ILE A 375 -8.01 16.09 -12.43
C ILE A 375 -8.44 16.54 -11.05
N LYS A 376 -9.77 16.64 -10.87
CA LYS A 376 -10.36 16.76 -9.53
C LYS A 376 -10.36 15.36 -8.93
N GLN A 377 -9.49 15.16 -7.95
CA GLN A 377 -9.23 13.86 -7.34
C GLN A 377 -10.50 13.19 -6.79
N LYS A 378 -11.52 13.98 -6.45
CA LYS A 378 -12.71 13.45 -5.77
C LYS A 378 -13.37 12.37 -6.61
N CYS A 379 -13.40 11.16 -6.07
CA CYS A 379 -13.99 10.02 -6.78
C CYS A 379 -15.01 9.35 -5.88
N PRO A 380 -16.30 9.46 -6.20
CA PRO A 380 -17.31 8.74 -5.43
C PRO A 380 -17.47 7.30 -5.89
N LEU A 381 -17.56 6.41 -4.90
CA LEU A 381 -17.69 4.98 -5.15
C LEU A 381 -19.14 4.55 -4.96
N TYR A 382 -19.59 3.67 -5.83
CA TYR A 382 -20.96 3.23 -6.03
C TYR A 382 -20.94 1.71 -5.97
N GLU A 383 -21.73 1.08 -5.11
CA GLU A 383 -21.62 -0.39 -5.03
C GLU A 383 -22.44 -1.09 -6.12
N ALA A 384 -22.55 -2.40 -6.02
CA ALA A 384 -23.28 -3.19 -7.04
C ALA A 384 -24.74 -2.73 -7.14
N ASN A 385 -25.35 -2.40 -6.02
CA ASN A 385 -26.76 -1.91 -5.97
C ASN A 385 -26.91 -0.60 -6.76
N GLY A 386 -25.89 0.25 -6.83
CA GLY A 386 -26.03 1.55 -7.50
C GLY A 386 -26.19 2.65 -6.46
N GLN A 387 -25.95 2.31 -5.21
CA GLN A 387 -26.05 3.28 -4.10
C GLN A 387 -24.63 3.67 -3.68
N ALA A 388 -24.39 4.95 -3.51
CA ALA A 388 -23.04 5.45 -3.18
C ALA A 388 -22.56 4.95 -1.82
N VAL A 389 -21.28 4.73 -1.67
CA VAL A 389 -20.78 4.31 -0.35
C VAL A 389 -20.69 5.55 0.52
N PRO A 390 -21.15 5.50 1.77
CA PRO A 390 -21.10 6.65 2.66
C PRO A 390 -19.71 7.06 3.13
N LYS A 391 -19.52 8.37 3.29
CA LYS A 391 -18.25 9.01 3.69
C LYS A 391 -17.54 8.24 4.80
N GLU A 392 -18.25 7.89 5.88
CA GLU A 392 -17.68 7.11 6.97
C GLU A 392 -16.84 5.97 6.44
N LYS A 393 -17.45 5.23 5.53
CA LYS A 393 -16.97 3.94 5.03
C LYS A 393 -15.85 4.14 4.01
N ASP A 394 -16.14 4.99 3.04
CA ASP A 394 -15.18 5.35 1.97
C ASP A 394 -13.88 5.77 2.64
N GLU A 395 -13.95 6.67 3.61
CA GLU A 395 -12.71 7.14 4.25
C GLU A 395 -12.10 6.03 5.09
N MET A 396 -12.91 5.23 5.74
CA MET A 396 -12.28 4.25 6.66
C MET A 396 -11.64 3.14 5.86
N VAL A 397 -12.17 2.81 4.69
CA VAL A 397 -11.52 1.69 3.97
C VAL A 397 -10.32 2.22 3.21
N GLU A 398 -10.37 3.45 2.72
CA GLU A 398 -9.21 3.99 1.98
C GLU A 398 -8.02 4.02 2.91
N GLN A 399 -8.20 4.47 4.15
CA GLN A 399 -7.03 4.50 5.06
C GLN A 399 -6.56 3.08 5.37
N GLU A 400 -7.45 2.11 5.44
CA GLU A 400 -6.95 0.74 5.69
C GLU A 400 -6.07 0.37 4.51
N PHE A 401 -6.59 0.59 3.31
CA PHE A 401 -5.88 0.27 2.06
C PHE A 401 -4.48 0.85 2.09
N ASN A 402 -4.35 2.13 2.38
CA ASN A 402 -2.98 2.68 2.41
C ASN A 402 -2.21 2.03 3.55
N ARG A 403 -2.86 1.86 4.70
CA ARG A 403 -2.16 1.25 5.84
C ARG A 403 -1.68 -0.13 5.42
N LEU A 404 -2.41 -0.77 4.53
CA LEU A 404 -2.04 -2.10 4.07
C LEU A 404 -0.81 -2.06 3.16
N LEU A 405 -0.74 -1.08 2.25
CA LEU A 405 0.49 -0.93 1.47
C LEU A 405 1.69 -0.67 2.38
N GLU A 406 1.58 0.37 3.18
CA GLU A 406 2.63 0.76 4.15
C GLU A 406 3.10 -0.48 4.88
N ALA A 407 2.19 -1.43 5.01
CA ALA A 407 2.47 -2.70 5.69
C ALA A 407 3.36 -3.56 4.81
N THR A 408 2.99 -3.73 3.54
CA THR A 408 3.79 -4.58 2.64
C THR A 408 5.18 -4.00 2.53
N SER A 409 5.31 -2.69 2.41
CA SER A 409 6.65 -2.05 2.38
C SER A 409 7.42 -2.47 3.62
N TYR A 410 6.81 -2.40 4.80
CA TYR A 410 7.46 -2.84 6.04
C TYR A 410 7.84 -4.31 5.93
N LEU A 411 6.97 -5.15 5.38
CA LEU A 411 7.34 -6.57 5.27
C LEU A 411 8.56 -6.69 4.37
N SER A 412 8.53 -6.00 3.25
CA SER A 412 9.64 -6.12 2.30
C SER A 412 10.94 -5.61 2.90
N HIS A 413 10.97 -4.40 3.43
CA HIS A 413 12.28 -3.85 3.86
C HIS A 413 12.73 -4.28 5.26
N GLN A 414 11.88 -4.20 6.27
CA GLN A 414 12.41 -4.53 7.61
C GLN A 414 12.38 -6.03 7.89
N LEU A 415 11.48 -6.77 7.29
CA LEU A 415 11.47 -8.22 7.62
C LEU A 415 12.09 -9.02 6.48
N ASP A 416 12.44 -8.36 5.39
CA ASP A 416 13.04 -9.02 4.20
C ASP A 416 12.18 -10.21 3.78
N PHE A 417 10.88 -10.00 3.65
CA PHE A 417 9.98 -11.08 3.21
C PHE A 417 9.96 -10.99 1.69
N ASN A 418 11.02 -11.42 1.03
CA ASN A 418 11.04 -11.20 -0.44
C ASN A 418 11.11 -12.52 -1.19
N VAL A 419 11.58 -13.57 -0.57
CA VAL A 419 11.55 -14.85 -1.27
C VAL A 419 10.72 -15.82 -0.43
N LEU A 420 9.94 -16.68 -1.10
CA LEU A 420 9.09 -17.62 -0.38
C LEU A 420 8.98 -18.88 -1.23
N ASN A 421 9.46 -20.02 -0.72
CA ASN A 421 9.39 -21.28 -1.48
C ASN A 421 10.21 -21.18 -2.76
N ASN A 422 11.38 -20.53 -2.65
CA ASN A 422 12.33 -20.37 -3.75
C ASN A 422 11.74 -19.56 -4.90
N LYS A 423 10.84 -18.63 -4.61
CA LYS A 423 10.20 -17.82 -5.62
C LYS A 423 10.08 -16.38 -5.11
N PRO A 424 10.11 -15.40 -6.00
CA PRO A 424 9.98 -14.02 -5.55
C PRO A 424 8.57 -13.74 -5.07
N VAL A 425 8.48 -12.90 -4.05
CA VAL A 425 7.20 -12.65 -3.42
C VAL A 425 6.46 -11.60 -4.22
N SER A 426 5.23 -11.90 -4.62
CA SER A 426 4.54 -10.84 -5.33
C SER A 426 4.02 -9.80 -4.34
N LEU A 427 3.58 -8.66 -4.87
CA LEU A 427 2.90 -7.69 -4.02
C LEU A 427 1.60 -8.27 -3.51
N GLY A 428 0.81 -8.86 -4.42
CA GLY A 428 -0.45 -9.46 -4.01
C GLY A 428 -0.29 -10.56 -2.98
N GLN A 429 0.71 -11.43 -3.17
CA GLN A 429 1.03 -12.43 -2.15
C GLN A 429 1.08 -11.79 -0.79
N ALA A 430 1.88 -10.73 -0.66
CA ALA A 430 2.09 -10.08 0.62
C ALA A 430 0.89 -9.26 1.07
N LEU A 431 -0.03 -8.90 0.19
CA LEU A 431 -1.26 -8.31 0.70
C LEU A 431 -2.13 -9.37 1.35
N GLU A 432 -2.22 -10.56 0.76
CA GLU A 432 -2.87 -11.67 1.45
C GLU A 432 -2.26 -11.87 2.83
N VAL A 433 -0.96 -12.06 2.84
CA VAL A 433 -0.28 -12.35 4.12
C VAL A 433 -0.49 -11.20 5.08
N VAL A 434 -0.81 -10.02 4.61
CA VAL A 434 -0.94 -8.94 5.61
C VAL A 434 -2.38 -8.93 6.06
N ILE A 435 -3.29 -9.16 5.14
CA ILE A 435 -4.71 -9.16 5.55
C ILE A 435 -4.90 -10.33 6.50
N GLN A 436 -4.35 -11.48 6.16
CA GLN A 436 -4.48 -12.65 7.04
C GLN A 436 -3.93 -12.28 8.41
N LEU A 437 -2.74 -11.71 8.47
CA LEU A 437 -2.18 -11.38 9.80
C LEU A 437 -3.05 -10.36 10.54
N GLN A 438 -3.68 -9.43 9.85
CA GLN A 438 -4.56 -8.49 10.57
C GLN A 438 -5.82 -9.25 10.96
N GLU A 439 -6.25 -10.22 10.16
CA GLU A 439 -7.43 -11.02 10.56
C GLU A 439 -7.05 -11.87 11.75
N LYS A 440 -5.83 -12.39 11.78
CA LYS A 440 -5.45 -13.20 12.95
C LYS A 440 -5.51 -12.32 14.17
N HIS A 441 -4.94 -11.13 14.12
CA HIS A 441 -4.92 -10.26 15.30
C HIS A 441 -6.34 -9.99 15.79
N VAL A 442 -7.29 -9.75 14.90
CA VAL A 442 -8.68 -9.60 15.35
C VAL A 442 -9.10 -10.75 16.24
N LYS A 443 -8.85 -11.98 15.78
CA LYS A 443 -9.21 -13.15 16.57
C LYS A 443 -8.40 -13.19 17.86
N ASP A 444 -7.09 -13.01 17.79
CA ASP A 444 -6.25 -12.99 18.99
C ASP A 444 -6.86 -12.10 20.08
N GLU A 445 -7.29 -10.88 19.71
CA GLU A 445 -7.75 -9.97 20.74
C GLU A 445 -9.12 -10.33 21.27
N GLN A 446 -9.95 -11.01 20.47
CA GLN A 446 -11.17 -11.56 21.04
C GLN A 446 -10.86 -12.65 22.04
N ILE A 447 -9.96 -13.57 21.69
CA ILE A 447 -9.52 -14.61 22.62
C ILE A 447 -9.06 -13.99 23.94
N GLU A 448 -8.04 -13.13 23.88
CA GLU A 448 -7.46 -12.54 25.09
C GLU A 448 -8.53 -11.84 25.95
N HIS A 449 -9.57 -11.30 25.32
CA HIS A 449 -10.56 -10.54 26.05
C HIS A 449 -11.54 -11.45 26.78
N TRP A 450 -12.07 -12.47 26.09
CA TRP A 450 -12.92 -13.43 26.80
C TRP A 450 -12.11 -14.26 27.79
N LYS A 451 -10.88 -14.65 27.46
CA LYS A 451 -10.04 -15.28 28.46
C LYS A 451 -9.87 -14.41 29.69
N LYS A 452 -10.21 -13.14 29.61
CA LYS A 452 -10.15 -12.27 30.78
C LYS A 452 -11.51 -12.18 31.45
N ILE A 453 -12.57 -12.62 30.78
CA ILE A 453 -13.82 -12.87 31.48
C ILE A 453 -13.78 -14.19 32.24
N VAL A 454 -13.43 -15.31 31.57
CA VAL A 454 -13.31 -16.56 32.32
C VAL A 454 -12.39 -16.37 33.52
N LYS A 455 -11.28 -15.63 33.37
CA LYS A 455 -10.39 -15.46 34.50
C LYS A 455 -11.07 -14.75 35.65
N THR A 456 -12.12 -13.98 35.37
CA THR A 456 -12.86 -13.28 36.41
C THR A 456 -14.13 -14.02 36.83
N GLN A 457 -14.93 -14.55 35.89
CA GLN A 457 -16.04 -15.41 36.29
C GLN A 457 -15.58 -16.54 37.21
N GLU A 458 -14.38 -17.06 37.02
CA GLU A 458 -13.87 -18.14 37.87
C GLU A 458 -13.37 -17.64 39.21
N GLU A 459 -12.88 -16.40 39.27
CA GLU A 459 -12.60 -15.77 40.55
C GLU A 459 -13.90 -15.51 41.31
N LEU A 460 -14.97 -15.21 40.59
CA LEU A 460 -16.29 -15.08 41.19
C LEU A 460 -16.83 -16.43 41.62
N LYS A 461 -16.75 -17.42 40.73
CA LYS A 461 -17.34 -18.71 41.11
C LYS A 461 -16.62 -19.21 42.35
N GLU A 462 -15.30 -19.07 42.39
CA GLU A 462 -14.59 -19.56 43.60
C GLU A 462 -15.02 -18.74 44.80
N LEU A 463 -15.21 -17.43 44.64
CA LEU A 463 -15.61 -16.66 45.83
C LEU A 463 -17.06 -16.95 46.15
N LEU A 464 -17.89 -17.29 45.16
CA LEU A 464 -19.30 -17.60 45.52
C LEU A 464 -19.30 -18.80 46.45
N ASN A 465 -18.55 -19.83 46.07
CA ASN A 465 -18.41 -21.07 46.86
C ASN A 465 -18.14 -20.71 48.32
N LYS A 466 -17.12 -19.90 48.58
CA LYS A 466 -16.81 -19.50 49.97
C LYS A 466 -18.02 -18.84 50.60
N MET A 467 -18.68 -17.95 49.89
CA MET A 467 -19.87 -17.30 50.48
C MET A 467 -20.94 -18.35 50.74
N VAL A 468 -21.15 -19.29 49.84
CA VAL A 468 -22.24 -20.25 50.14
C VAL A 468 -21.84 -21.15 51.31
N ASN A 469 -20.57 -21.48 51.42
CA ASN A 469 -20.16 -22.37 52.54
C ASN A 469 -20.22 -21.58 53.84
N LEU A 470 -19.95 -20.29 53.79
CA LEU A 470 -19.98 -19.51 55.03
C LEU A 470 -21.42 -19.31 55.48
N LYS A 471 -22.33 -19.09 54.54
CA LYS A 471 -23.74 -18.87 54.95
C LYS A 471 -24.24 -20.09 55.70
N GLU A 472 -23.97 -21.28 55.19
CA GLU A 472 -24.41 -22.50 55.90
C GLU A 472 -23.78 -22.48 57.29
N LYS A 473 -22.48 -22.22 57.38
CA LYS A 473 -21.81 -22.18 58.70
C LYS A 473 -22.52 -21.13 59.55
N ILE A 474 -22.85 -20.00 58.96
CA ILE A 474 -23.54 -18.98 59.79
C ILE A 474 -24.88 -19.54 60.21
N LYS A 475 -25.62 -20.11 59.27
CA LYS A 475 -26.96 -20.68 59.51
C LYS A 475 -26.93 -21.57 60.74
N GLU A 476 -26.02 -22.52 60.79
CA GLU A 476 -25.98 -23.43 61.95
C GLU A 476 -25.45 -22.71 63.18
N LEU A 477 -24.64 -21.67 63.03
CA LEU A 477 -24.16 -21.01 64.27
C LEU A 477 -25.37 -20.40 64.95
N HIS A 478 -26.14 -19.62 64.21
CA HIS A 478 -27.35 -18.98 64.69
C HIS A 478 -28.18 -19.96 65.50
N GLN A 479 -28.49 -21.11 64.89
CA GLN A 479 -29.18 -22.18 65.61
C GLN A 479 -28.52 -22.45 66.95
N GLN A 480 -27.21 -22.64 66.97
CA GLN A 480 -26.52 -22.90 68.22
C GLN A 480 -26.68 -21.74 69.20
N TYR A 481 -26.64 -20.53 68.68
CA TYR A 481 -26.73 -19.37 69.59
C TYR A 481 -28.13 -19.32 70.16
N LYS A 482 -29.13 -19.51 69.31
CA LYS A 482 -30.51 -19.43 69.82
C LYS A 482 -30.71 -20.52 70.86
N GLU A 483 -30.23 -21.73 70.60
CA GLU A 483 -30.39 -22.82 71.57
C GLU A 483 -29.71 -22.40 72.86
N ALA A 484 -28.52 -21.84 72.75
CA ALA A 484 -27.78 -21.38 73.95
C ALA A 484 -28.55 -20.24 74.60
N SER A 485 -29.13 -19.36 73.80
CA SER A 485 -29.93 -18.24 74.35
C SER A 485 -31.24 -18.75 74.98
N GLU A 486 -31.76 -19.89 74.51
CA GLU A 486 -33.02 -20.44 75.05
C GLU A 486 -32.86 -20.75 76.53
N VAL A 487 -31.70 -21.23 76.97
CA VAL A 487 -31.57 -21.53 78.42
C VAL A 487 -31.73 -20.21 79.13
N LYS A 488 -32.84 -20.04 79.84
CA LYS A 488 -33.12 -18.76 80.50
C LYS A 488 -32.22 -18.62 81.72
N PRO A 489 -31.87 -17.39 82.10
CA PRO A 489 -31.04 -17.15 83.26
C PRO A 489 -31.86 -17.38 84.52
N PRO A 490 -31.24 -17.71 85.67
CA PRO A 490 -29.87 -17.37 85.94
C PRO A 490 -29.06 -18.61 85.56
N ARG A 491 -27.94 -18.39 84.87
CA ARG A 491 -27.13 -19.52 84.37
C ARG A 491 -25.74 -19.47 84.96
N ASP A 492 -25.06 -20.60 84.98
CA ASP A 492 -23.68 -20.64 85.50
C ASP A 492 -22.76 -20.09 84.41
N ILE A 493 -21.55 -19.71 84.76
CA ILE A 493 -20.72 -19.02 83.73
C ILE A 493 -20.37 -19.87 82.53
N THR A 494 -20.11 -21.17 82.65
CA THR A 494 -19.87 -21.90 81.41
C THR A 494 -21.06 -21.78 80.46
N ALA A 495 -22.28 -21.65 80.99
CA ALA A 495 -23.44 -21.44 80.16
C ALA A 495 -23.55 -19.99 79.68
N GLU A 496 -23.01 -19.05 80.45
CA GLU A 496 -22.97 -17.67 80.00
C GLU A 496 -21.87 -17.48 78.96
N PHE A 497 -20.76 -18.14 79.18
CA PHE A 497 -19.64 -18.02 78.23
C PHE A 497 -20.11 -18.52 76.88
N LEU A 498 -20.88 -19.59 76.88
CA LEU A 498 -21.30 -20.18 75.60
C LEU A 498 -22.15 -19.19 74.82
N VAL A 499 -23.07 -18.52 75.46
CA VAL A 499 -23.87 -17.56 74.66
C VAL A 499 -22.94 -16.48 74.16
N LYS A 500 -22.09 -15.96 75.03
CA LYS A 500 -21.21 -14.88 74.55
C LYS A 500 -20.29 -15.44 73.46
N SER A 501 -19.74 -16.62 73.68
CA SER A 501 -18.80 -17.15 72.66
C SER A 501 -19.51 -17.33 71.34
N LYS A 502 -20.70 -17.91 71.36
CA LYS A 502 -21.40 -18.12 70.07
C LYS A 502 -21.70 -16.75 69.48
N HIS A 503 -22.14 -15.81 70.29
CA HIS A 503 -22.46 -14.48 69.73
C HIS A 503 -21.22 -13.87 69.12
N ARG A 504 -20.09 -13.96 69.82
CA ARG A 504 -18.89 -13.34 69.24
C ARG A 504 -18.55 -14.04 67.93
N ASP A 505 -18.57 -15.35 67.94
CA ASP A 505 -18.18 -16.09 66.72
C ASP A 505 -19.12 -15.73 65.59
N LEU A 506 -20.42 -15.72 65.85
CA LEU A 506 -21.32 -15.52 64.73
C LEU A 506 -21.15 -14.14 64.11
N THR A 507 -20.95 -13.10 64.93
CA THR A 507 -20.70 -11.79 64.35
C THR A 507 -19.36 -11.74 63.63
N ALA A 508 -18.39 -12.57 64.06
CA ALA A 508 -17.15 -12.72 63.32
C ALA A 508 -17.41 -13.27 61.92
N LEU A 509 -18.17 -14.36 61.82
CA LEU A 509 -18.49 -14.89 60.50
C LEU A 509 -19.38 -13.93 59.71
N CYS A 510 -20.26 -13.19 60.37
CA CYS A 510 -21.03 -12.18 59.65
C CYS A 510 -20.17 -11.04 59.14
N LYS A 511 -18.99 -10.85 59.73
CA LYS A 511 -17.97 -9.91 59.24
C LYS A 511 -17.24 -10.43 58.00
N GLU A 512 -16.90 -11.71 57.99
CA GLU A 512 -16.33 -12.32 56.79
C GLU A 512 -17.29 -12.22 55.61
N TYR A 513 -18.52 -12.71 55.78
CA TYR A 513 -19.49 -12.71 54.69
C TYR A 513 -19.82 -11.29 54.22
N ASP A 514 -19.59 -10.28 55.05
CA ASP A 514 -19.79 -8.93 54.53
C ASP A 514 -18.60 -8.47 53.70
N GLU A 515 -17.37 -8.73 54.18
CA GLU A 515 -16.17 -8.49 53.37
C GLU A 515 -16.25 -9.23 52.05
N LEU A 516 -16.74 -10.48 52.07
CA LEU A 516 -16.78 -11.28 50.86
C LEU A 516 -17.96 -10.97 49.96
N ALA A 517 -18.82 -10.00 50.29
CA ALA A 517 -19.84 -9.59 49.35
C ALA A 517 -19.63 -8.16 48.87
N GLU A 518 -18.64 -7.52 49.46
CA GLU A 518 -18.19 -6.24 48.91
C GLU A 518 -17.35 -6.66 47.71
N THR A 519 -16.50 -7.67 47.93
CA THR A 519 -15.64 -8.20 46.87
C THR A 519 -16.52 -8.73 45.74
N GLN A 520 -17.62 -9.41 46.04
CA GLN A 520 -18.52 -9.86 44.95
C GLN A 520 -19.04 -8.66 44.18
N GLY A 521 -19.36 -7.54 44.85
CA GLY A 521 -19.81 -6.38 44.08
C GLY A 521 -18.74 -5.92 43.13
N LYS A 522 -17.47 -5.88 43.55
CA LYS A 522 -16.43 -5.41 42.63
C LYS A 522 -16.37 -6.34 41.43
N LEU A 523 -16.36 -7.64 41.65
CA LEU A 523 -16.24 -8.55 40.49
C LEU A 523 -17.48 -8.43 39.61
N GLU A 524 -18.65 -8.26 40.20
CA GLU A 524 -19.85 -8.16 39.35
C GLU A 524 -19.72 -6.95 38.41
N GLU A 525 -19.26 -5.80 38.90
CA GLU A 525 -19.08 -4.64 38.00
C GLU A 525 -17.90 -4.86 37.06
N LYS A 526 -16.81 -5.47 37.54
CA LYS A 526 -15.64 -5.68 36.68
C LYS A 526 -16.05 -6.55 35.49
N LEU A 527 -16.83 -7.59 35.73
CA LEU A 527 -17.36 -8.45 34.64
C LEU A 527 -18.23 -7.59 33.74
N GLN A 528 -19.03 -6.69 34.31
CA GLN A 528 -19.92 -5.83 33.49
C GLN A 528 -19.09 -4.97 32.55
N GLU A 529 -17.94 -4.45 32.99
CA GLU A 529 -17.14 -3.62 32.06
C GLU A 529 -16.74 -4.47 30.87
N LEU A 530 -16.21 -5.65 31.17
CA LEU A 530 -15.62 -6.51 30.13
C LEU A 530 -16.66 -6.87 29.09
N GLU A 531 -17.88 -7.16 29.52
CA GLU A 531 -18.94 -7.49 28.52
C GLU A 531 -19.26 -6.28 27.66
N ALA A 532 -19.11 -5.05 28.15
CA ALA A 532 -19.42 -3.88 27.32
C ALA A 532 -18.20 -3.38 26.52
N ASN A 533 -16.98 -3.86 26.75
CA ASN A 533 -15.90 -3.28 25.92
C ASN A 533 -15.37 -4.41 25.07
N PRO A 534 -16.17 -5.05 24.19
CA PRO A 534 -15.71 -6.19 23.47
C PRO A 534 -14.95 -5.59 22.29
N PRO A 535 -13.85 -6.20 21.87
CA PRO A 535 -13.06 -5.73 20.74
C PRO A 535 -13.77 -6.02 19.41
N SER A 536 -13.21 -5.45 18.36
CA SER A 536 -13.83 -5.49 17.01
C SER A 536 -14.20 -6.91 16.61
N ASP A 537 -15.43 -7.03 16.14
CA ASP A 537 -16.04 -8.31 15.77
C ASP A 537 -15.31 -8.95 14.60
N VAL A 538 -14.95 -8.15 13.60
CA VAL A 538 -14.27 -8.67 12.38
C VAL A 538 -13.24 -7.65 11.91
N TYR A 539 -12.20 -8.09 11.21
CA TYR A 539 -11.24 -7.13 10.65
C TYR A 539 -11.92 -6.35 9.53
N LEU A 540 -12.61 -7.07 8.65
CA LEU A 540 -13.29 -6.38 7.55
C LEU A 540 -14.54 -7.17 7.13
N SER A 541 -15.62 -6.47 6.83
CA SER A 541 -16.88 -7.14 6.45
C SER A 541 -16.84 -7.50 4.98
N SER A 542 -17.70 -8.43 4.55
CA SER A 542 -17.78 -8.78 3.12
C SER A 542 -18.02 -7.50 2.32
N ARG A 543 -18.96 -6.68 2.77
CA ARG A 543 -19.18 -5.39 2.09
C ARG A 543 -17.87 -4.63 2.12
N ASP A 544 -17.27 -4.48 3.31
CA ASP A 544 -16.01 -3.72 3.46
C ASP A 544 -14.97 -4.23 2.48
N ARG A 545 -14.69 -5.54 2.49
CA ARG A 545 -13.63 -6.12 1.61
C ARG A 545 -14.00 -6.06 0.13
N GLN A 546 -15.26 -5.90 -0.23
CA GLN A 546 -15.61 -5.74 -1.65
C GLN A 546 -15.13 -4.34 -2.02
N ILE A 547 -15.32 -3.39 -1.12
CA ILE A 547 -14.89 -2.00 -1.41
C ILE A 547 -13.37 -1.96 -1.38
N LEU A 548 -12.75 -2.76 -0.51
CA LEU A 548 -11.28 -2.80 -0.47
C LEU A 548 -10.77 -3.22 -1.84
N ASP A 549 -11.38 -4.23 -2.45
CA ASP A 549 -11.01 -4.70 -3.80
C ASP A 549 -10.92 -3.53 -4.77
N TRP A 550 -11.92 -2.67 -4.77
CA TRP A 550 -11.89 -1.54 -5.72
C TRP A 550 -10.65 -0.72 -5.49
N HIS A 551 -10.06 -0.82 -4.31
CA HIS A 551 -8.83 -0.02 -4.13
C HIS A 551 -7.69 -0.83 -4.72
N PHE A 552 -7.82 -2.14 -4.74
CA PHE A 552 -6.77 -2.97 -5.34
C PHE A 552 -6.94 -2.90 -6.85
N ALA A 553 -8.15 -2.70 -7.32
CA ALA A 553 -8.33 -2.57 -8.78
C ALA A 553 -7.58 -1.33 -9.24
N ASN A 554 -7.68 -0.24 -8.49
CA ASN A 554 -6.94 0.99 -8.85
C ASN A 554 -5.47 0.63 -8.97
N LEU A 555 -4.88 -0.03 -7.98
CA LEU A 555 -3.47 -0.46 -8.04
C LEU A 555 -3.26 -1.30 -9.30
N GLU A 556 -4.15 -2.25 -9.55
CA GLU A 556 -4.00 -3.10 -10.76
C GLU A 556 -4.08 -2.24 -12.01
N PHE A 557 -4.93 -1.24 -12.03
CA PHE A 557 -4.99 -0.40 -13.24
C PHE A 557 -3.77 0.49 -13.33
N ALA A 558 -3.11 0.82 -12.24
CA ALA A 558 -1.94 1.71 -12.38
C ALA A 558 -0.77 0.90 -12.90
N ASN A 559 -0.69 -0.35 -12.50
CA ASN A 559 0.40 -1.18 -12.92
C ASN A 559 0.02 -2.05 -14.10
N ALA A 560 -1.18 -1.84 -14.64
CA ALA A 560 -1.75 -2.70 -15.70
C ALA A 560 -1.38 -4.17 -15.51
N THR A 561 -1.66 -4.70 -14.32
CA THR A 561 -1.44 -6.12 -14.07
C THR A 561 -2.04 -6.57 -12.75
N PRO A 562 -2.45 -7.83 -12.65
CA PRO A 562 -2.78 -8.44 -11.36
C PRO A 562 -1.67 -8.28 -10.34
N LEU A 563 -2.05 -7.88 -9.13
CA LEU A 563 -1.06 -7.66 -8.08
C LEU A 563 -0.25 -8.90 -7.75
N SER A 564 -0.60 -10.06 -8.29
CA SER A 564 0.15 -11.27 -8.04
C SER A 564 1.38 -11.36 -8.90
N THR A 565 1.49 -10.48 -9.89
CA THR A 565 2.60 -10.45 -10.80
C THR A 565 3.60 -9.34 -10.47
N LEU A 566 3.18 -8.30 -9.75
CA LEU A 566 4.10 -7.23 -9.37
C LEU A 566 5.17 -7.73 -8.42
N SER A 567 6.39 -7.27 -8.60
CA SER A 567 7.42 -7.53 -7.59
C SER A 567 7.08 -6.79 -6.31
N LEU A 568 7.09 -7.50 -5.19
CA LEU A 568 6.94 -6.78 -3.92
C LEU A 568 8.05 -5.74 -3.79
N LYS A 569 9.31 -6.20 -3.77
CA LYS A 569 10.42 -5.30 -3.49
C LYS A 569 10.43 -4.09 -4.42
N HIS A 570 10.15 -4.27 -5.71
CA HIS A 570 10.49 -3.25 -6.70
C HIS A 570 9.34 -2.57 -7.44
N TRP A 571 8.09 -2.96 -7.21
CA TRP A 571 7.01 -2.45 -8.05
C TRP A 571 6.93 -0.92 -8.07
N ASP A 572 7.24 -0.27 -6.97
CA ASP A 572 7.15 1.19 -6.90
C ASP A 572 8.52 1.86 -7.02
N GLN A 573 9.52 1.15 -7.51
CA GLN A 573 10.87 1.71 -7.57
C GLN A 573 10.94 3.06 -8.29
N ASP A 574 10.03 3.33 -9.21
CA ASP A 574 10.03 4.59 -9.93
C ASP A 574 9.32 5.74 -9.17
N ASP A 575 8.97 5.53 -7.90
CA ASP A 575 8.10 6.45 -7.17
C ASP A 575 8.88 7.64 -6.59
N ASP A 576 10.20 7.55 -6.52
CA ASP A 576 10.96 8.71 -6.08
C ASP A 576 10.93 9.81 -7.13
N PHE A 577 10.89 9.43 -8.40
CA PHE A 577 11.01 10.38 -9.48
C PHE A 577 9.69 10.94 -9.93
N GLU A 578 8.65 10.75 -9.13
CA GLU A 578 7.35 11.36 -9.42
C GLU A 578 7.54 12.84 -9.68
N PHE A 579 6.91 13.33 -10.74
CA PHE A 579 6.86 14.77 -10.90
C PHE A 579 5.93 15.38 -9.85
N THR A 580 6.25 16.59 -9.44
CA THR A 580 5.35 17.35 -8.61
C THR A 580 4.24 17.96 -9.46
N GLY A 581 3.14 18.31 -8.79
CA GLY A 581 2.02 18.86 -9.53
C GLY A 581 0.91 17.84 -9.67
N SER A 582 -0.24 18.34 -10.06
CA SER A 582 -1.40 17.48 -10.14
C SER A 582 -1.52 16.96 -11.55
N HIS A 583 -1.80 15.67 -11.65
CA HIS A 583 -1.97 15.02 -12.94
C HIS A 583 -3.11 15.67 -13.74
N LEU A 584 -2.90 15.79 -15.04
CA LEU A 584 -3.85 16.44 -15.94
C LEU A 584 -4.30 15.49 -17.01
N THR A 585 -5.31 15.88 -17.76
CA THR A 585 -5.75 15.12 -18.92
C THR A 585 -5.67 16.02 -20.14
N VAL A 586 -5.66 15.40 -21.31
CA VAL A 586 -5.58 16.14 -22.57
C VAL A 586 -6.99 16.19 -23.12
N ARG A 587 -7.49 17.40 -23.25
CA ARG A 587 -8.88 17.55 -23.73
C ARG A 587 -8.99 17.33 -25.24
N ASN A 588 -7.98 17.71 -26.03
CA ASN A 588 -8.16 17.54 -27.49
C ASN A 588 -7.57 16.22 -27.92
N GLY A 589 -7.30 15.33 -26.98
CA GLY A 589 -6.73 14.04 -27.36
C GLY A 589 -5.22 14.06 -27.25
N TYR A 590 -4.61 12.96 -26.86
CA TYR A 590 -3.14 12.96 -26.72
C TYR A 590 -2.52 12.80 -28.10
N SER A 591 -3.28 12.30 -29.08
CA SER A 591 -2.85 12.09 -30.48
C SER A 591 -2.13 13.32 -31.04
N CYS A 592 -2.58 14.53 -30.77
CA CYS A 592 -1.90 15.73 -31.30
C CYS A 592 -0.40 15.77 -31.00
N VAL A 593 0.09 15.29 -29.87
CA VAL A 593 1.56 15.36 -29.63
C VAL A 593 2.29 14.59 -30.72
N PRO A 594 2.10 13.27 -30.80
CA PRO A 594 2.72 12.44 -31.79
C PRO A 594 2.63 13.04 -33.18
N VAL A 595 1.42 13.35 -33.60
CA VAL A 595 1.20 13.92 -34.95
C VAL A 595 2.04 15.16 -35.08
N ALA A 596 2.24 15.88 -33.98
CA ALA A 596 3.02 17.12 -34.13
C ALA A 596 4.50 16.80 -34.20
N LEU A 597 4.91 15.66 -33.69
CA LEU A 597 6.34 15.34 -33.70
C LEU A 597 6.72 14.78 -35.07
N ALA A 598 5.76 14.31 -35.84
CA ALA A 598 6.05 13.71 -37.16
C ALA A 598 6.22 14.77 -38.25
N GLU A 599 5.95 16.02 -37.95
CA GLU A 599 6.09 17.08 -38.96
C GLU A 599 7.51 17.06 -39.50
N GLY A 600 7.66 16.67 -40.75
CA GLY A 600 8.96 16.73 -41.45
C GLY A 600 9.77 15.47 -41.30
N LEU A 601 9.14 14.33 -41.10
CA LEU A 601 9.93 13.11 -40.89
C LEU A 601 9.59 12.08 -41.96
N ASP A 602 10.57 11.30 -42.38
CA ASP A 602 10.35 10.24 -43.39
C ASP A 602 9.74 9.06 -42.65
N ILE A 603 8.44 8.89 -42.75
CA ILE A 603 7.76 7.87 -41.99
C ILE A 603 7.03 6.96 -42.96
N LYS A 604 7.48 5.73 -43.07
CA LYS A 604 6.82 4.74 -43.92
C LYS A 604 5.80 3.99 -43.08
N LEU A 605 4.49 4.23 -43.32
CA LEU A 605 3.45 3.54 -42.58
C LEU A 605 3.03 2.30 -43.33
N ASN A 606 2.34 1.40 -42.62
CA ASN A 606 1.91 0.14 -43.18
C ASN A 606 3.11 -0.70 -43.59
N THR A 607 4.18 -0.54 -42.82
CA THR A 607 5.49 -1.12 -43.08
C THR A 607 5.83 -1.96 -41.85
N ALA A 608 5.62 -3.25 -41.91
CA ALA A 608 5.88 -4.08 -40.74
C ALA A 608 7.29 -4.65 -40.83
N VAL A 609 8.16 -4.24 -39.91
CA VAL A 609 9.47 -4.86 -39.85
C VAL A 609 9.33 -6.33 -39.46
N ARG A 610 10.00 -7.21 -40.19
CA ARG A 610 10.03 -8.62 -39.84
C ARG A 610 11.41 -9.16 -39.55
N GLN A 611 12.45 -8.55 -40.07
CA GLN A 611 13.77 -9.06 -39.75
C GLN A 611 14.71 -7.87 -39.57
N VAL A 612 15.48 -7.90 -38.50
CA VAL A 612 16.57 -6.94 -38.30
C VAL A 612 17.88 -7.70 -38.41
N ARG A 613 18.68 -7.34 -39.42
CA ARG A 613 20.00 -7.90 -39.66
C ARG A 613 21.05 -6.83 -39.42
N TYR A 614 22.01 -7.11 -38.55
CA TYR A 614 23.00 -6.10 -38.15
C TYR A 614 24.36 -6.77 -38.11
N THR A 615 25.33 -6.16 -38.77
CA THR A 615 26.64 -6.76 -38.96
C THR A 615 27.69 -5.72 -38.65
N ALA A 616 28.95 -6.17 -38.60
CA ALA A 616 30.05 -5.27 -38.32
C ALA A 616 30.06 -4.07 -39.25
N SER A 617 29.60 -4.24 -40.47
CA SER A 617 29.73 -3.21 -41.50
C SER A 617 28.47 -2.37 -41.67
N GLY A 618 27.37 -2.77 -41.05
CA GLY A 618 26.13 -2.01 -41.16
C GLY A 618 24.93 -2.92 -40.95
N CYS A 619 23.74 -2.34 -41.14
CA CYS A 619 22.51 -3.07 -40.88
C CYS A 619 21.61 -3.01 -42.09
N GLU A 620 20.73 -4.00 -42.15
CA GLU A 620 19.62 -4.02 -43.09
C GLU A 620 18.40 -4.59 -42.38
N VAL A 621 17.27 -3.91 -42.52
CA VAL A 621 16.02 -4.32 -41.90
C VAL A 621 15.08 -4.72 -43.02
N ILE A 622 14.35 -5.82 -42.81
CA ILE A 622 13.43 -6.34 -43.82
C ILE A 622 12.01 -6.06 -43.35
N ALA A 623 11.23 -5.38 -44.18
CA ALA A 623 9.85 -5.03 -43.86
C ALA A 623 8.91 -5.48 -44.97
N VAL A 624 7.67 -5.81 -44.60
CA VAL A 624 6.63 -6.13 -45.56
C VAL A 624 5.63 -4.98 -45.56
N ASN A 625 4.76 -4.95 -46.56
CA ASN A 625 3.60 -4.06 -46.56
C ASN A 625 2.41 -4.77 -45.90
N THR A 626 1.88 -4.15 -44.83
CA THR A 626 0.88 -4.79 -43.99
C THR A 626 -0.37 -5.21 -44.77
N ARG A 627 -0.68 -4.48 -45.85
CA ARG A 627 -1.93 -4.72 -46.57
C ARG A 627 -1.82 -5.95 -47.48
N SER A 628 -0.80 -6.00 -48.33
CA SER A 628 -0.41 -7.20 -49.09
C SER A 628 0.95 -7.67 -48.58
N THR A 629 0.94 -8.75 -47.78
CA THR A 629 2.14 -9.15 -47.04
C THR A 629 3.29 -9.54 -47.95
N SER A 630 3.04 -9.70 -49.25
CA SER A 630 4.07 -10.21 -50.15
C SER A 630 5.04 -9.13 -50.59
N GLN A 631 4.55 -7.93 -50.90
CA GLN A 631 5.41 -6.80 -51.22
C GLN A 631 6.48 -6.58 -50.16
N THR A 632 7.75 -6.72 -50.54
CA THR A 632 8.84 -6.82 -49.58
C THR A 632 9.83 -5.66 -49.73
N PHE A 633 10.32 -5.14 -48.60
CA PHE A 633 11.23 -4.00 -48.59
C PHE A 633 12.54 -4.29 -47.83
N ILE A 634 13.63 -3.76 -48.36
CA ILE A 634 14.94 -3.87 -47.75
C ILE A 634 15.44 -2.45 -47.48
N TYR A 635 15.91 -2.21 -46.25
CA TYR A 635 16.46 -0.91 -45.85
C TYR A 635 17.86 -1.10 -45.30
N LYS A 636 18.83 -0.36 -45.84
CA LYS A 636 20.19 -0.41 -45.34
C LYS A 636 20.45 0.81 -44.47
N CYS A 637 21.29 0.66 -43.46
CA CYS A 637 21.53 1.78 -42.56
C CYS A 637 22.76 1.50 -41.69
N ASP A 638 23.30 2.57 -41.13
CA ASP A 638 24.43 2.43 -40.19
C ASP A 638 24.00 1.93 -38.82
N ALA A 639 22.79 2.25 -38.37
CA ALA A 639 22.31 1.77 -37.08
C ALA A 639 20.78 1.73 -37.09
N VAL A 640 20.25 0.78 -36.33
CA VAL A 640 18.81 0.64 -36.11
C VAL A 640 18.46 1.07 -34.70
N LEU A 641 17.48 1.94 -34.57
CA LEU A 641 16.90 2.23 -33.27
C LEU A 641 15.59 1.46 -33.14
N CYS A 642 15.52 0.59 -32.15
CA CYS A 642 14.36 -0.27 -31.97
C CYS A 642 13.47 0.30 -30.85
N THR A 643 12.27 0.77 -31.22
CA THR A 643 11.28 1.15 -30.23
C THR A 643 10.11 0.17 -30.26
N LEU A 644 10.36 -1.05 -30.64
CA LEU A 644 9.33 -2.07 -30.58
C LEU A 644 8.84 -2.22 -29.15
N PRO A 645 7.53 -2.18 -28.92
CA PRO A 645 7.00 -2.39 -27.57
C PRO A 645 7.54 -3.66 -26.95
N LEU A 646 7.59 -3.67 -25.61
CA LEU A 646 8.12 -4.85 -24.93
C LEU A 646 7.26 -6.08 -25.21
N GLY A 647 5.96 -5.89 -25.43
CA GLY A 647 5.11 -7.03 -25.72
C GLY A 647 5.41 -7.64 -27.07
N VAL A 648 5.65 -6.78 -28.07
CA VAL A 648 6.09 -7.26 -29.36
C VAL A 648 7.38 -8.04 -29.21
N LEU A 649 8.34 -7.50 -28.45
CA LEU A 649 9.61 -8.18 -28.26
C LEU A 649 9.46 -9.49 -27.53
N LYS A 650 8.39 -9.63 -26.74
CA LYS A 650 8.20 -10.86 -25.98
C LYS A 650 7.59 -11.96 -26.81
N GLN A 651 7.02 -11.61 -27.95
CA GLN A 651 6.16 -12.51 -28.72
C GLN A 651 6.91 -13.77 -29.14
N GLN A 652 6.43 -14.93 -28.67
CA GLN A 652 6.82 -16.21 -29.25
C GLN A 652 5.63 -16.84 -29.95
N PRO A 653 5.80 -17.24 -31.23
CA PRO A 653 7.08 -17.14 -31.95
C PRO A 653 7.31 -15.72 -32.48
N PRO A 654 8.57 -15.37 -32.72
CA PRO A 654 8.92 -13.95 -32.90
C PRO A 654 8.20 -13.28 -34.05
N ALA A 655 7.59 -12.10 -33.77
CA ALA A 655 7.05 -11.25 -34.82
C ALA A 655 8.14 -10.60 -35.64
N VAL A 656 9.34 -10.47 -35.07
CA VAL A 656 10.51 -9.82 -35.67
C VAL A 656 11.70 -10.67 -35.28
N GLN A 657 12.41 -11.20 -36.26
CA GLN A 657 13.59 -11.95 -35.86
C GLN A 657 14.84 -11.11 -36.06
N PHE A 658 15.77 -11.26 -35.13
CA PHE A 658 17.02 -10.54 -35.16
C PHE A 658 18.11 -11.48 -35.67
N VAL A 659 18.94 -10.94 -36.56
CA VAL A 659 19.99 -11.69 -37.24
C VAL A 659 21.29 -10.92 -37.14
N PRO A 660 22.20 -11.31 -36.23
CA PRO A 660 22.11 -12.49 -35.37
C PRO A 660 21.12 -12.31 -34.21
N PRO A 661 20.75 -13.41 -33.54
CA PRO A 661 19.82 -13.30 -32.42
C PRO A 661 20.37 -12.37 -31.36
N LEU A 662 19.46 -11.76 -30.59
CA LEU A 662 19.87 -10.95 -29.46
C LEU A 662 20.60 -11.83 -28.45
N PRO A 663 21.62 -11.30 -27.78
CA PRO A 663 22.35 -12.11 -26.79
C PRO A 663 21.42 -12.47 -25.66
N GLU A 664 21.77 -13.50 -24.88
CA GLU A 664 20.74 -13.95 -23.95
C GLU A 664 20.51 -12.87 -22.88
N TRP A 665 21.58 -12.19 -22.45
CA TRP A 665 21.42 -11.15 -21.45
C TRP A 665 20.29 -10.19 -21.81
N LYS A 666 20.03 -10.01 -23.11
CA LYS A 666 18.92 -9.15 -23.50
C LYS A 666 17.61 -9.94 -23.52
N THR A 667 17.60 -11.13 -24.14
CA THR A 667 16.37 -11.90 -24.22
C THR A 667 15.86 -12.28 -22.84
N SER A 668 16.79 -12.51 -21.89
CA SER A 668 16.38 -12.85 -20.52
C SER A 668 15.71 -11.69 -19.83
N ALA A 669 16.29 -10.53 -19.95
CA ALA A 669 15.64 -9.34 -19.37
C ALA A 669 14.30 -9.16 -20.04
N VAL A 670 14.10 -9.74 -21.21
CA VAL A 670 12.79 -9.54 -21.86
C VAL A 670 11.78 -10.50 -21.27
N GLN A 671 12.17 -11.73 -21.00
CA GLN A 671 11.15 -12.62 -20.41
C GLN A 671 10.95 -12.18 -18.99
N ARG A 672 12.02 -11.83 -18.31
CA ARG A 672 11.96 -11.44 -16.89
C ARG A 672 10.98 -10.30 -16.73
N MET A 673 11.06 -9.27 -17.55
CA MET A 673 10.21 -8.09 -17.37
C MET A 673 8.76 -8.39 -17.63
N GLY A 674 7.91 -7.53 -17.12
CA GLY A 674 6.49 -7.74 -17.32
C GLY A 674 5.87 -6.68 -18.18
N PHE A 675 5.06 -7.13 -19.12
CA PHE A 675 4.27 -6.28 -19.99
C PHE A 675 2.85 -6.65 -19.68
N GLY A 676 2.07 -5.67 -19.22
CA GLY A 676 0.74 -5.90 -18.76
C GLY A 676 -0.31 -5.29 -19.66
N ASN A 677 -1.52 -5.18 -19.12
CA ASN A 677 -2.72 -4.97 -19.90
C ASN A 677 -3.65 -4.07 -19.11
N LEU A 678 -4.24 -3.08 -19.79
CA LEU A 678 -5.49 -2.51 -19.35
C LEU A 678 -6.20 -1.99 -20.58
N ASN A 679 -7.53 -2.11 -20.60
CA ASN A 679 -8.32 -1.70 -21.75
C ASN A 679 -9.31 -0.60 -21.38
N LYS A 680 -9.86 0.05 -22.39
CA LYS A 680 -10.81 1.14 -22.16
C LYS A 680 -12.05 0.93 -23.00
N VAL A 681 -13.20 1.36 -22.46
CA VAL A 681 -14.44 1.41 -23.21
C VAL A 681 -14.86 2.87 -23.35
N VAL A 682 -15.11 3.30 -24.56
CA VAL A 682 -15.50 4.68 -24.81
C VAL A 682 -17.00 4.72 -25.06
N LEU A 683 -17.71 5.40 -24.16
CA LEU A 683 -19.16 5.57 -24.21
C LEU A 683 -19.43 7.01 -24.61
N CYS A 684 -19.96 7.14 -25.81
CA CYS A 684 -20.32 8.42 -26.46
C CYS A 684 -21.82 8.70 -26.33
N PHE A 685 -22.18 9.78 -25.65
CA PHE A 685 -23.63 10.08 -25.49
C PHE A 685 -23.90 11.55 -25.78
N ASP A 686 -25.11 11.82 -26.29
CA ASP A 686 -25.65 13.17 -26.61
C ASP A 686 -25.93 13.97 -25.34
N ARG A 687 -26.45 13.35 -24.29
CA ARG A 687 -26.78 14.16 -23.10
C ARG A 687 -25.87 13.84 -21.93
N VAL A 688 -25.23 14.83 -21.36
CA VAL A 688 -24.40 14.54 -20.16
C VAL A 688 -25.40 14.22 -19.06
N PHE A 689 -25.37 13.02 -18.51
CA PHE A 689 -26.35 12.67 -17.46
C PHE A 689 -25.62 12.25 -16.20
N TRP A 690 -24.42 12.77 -16.00
CA TRP A 690 -23.67 12.41 -14.78
C TRP A 690 -23.25 13.68 -14.08
N ASP A 691 -22.61 13.53 -12.93
CA ASP A 691 -22.22 14.76 -12.29
C ASP A 691 -21.04 15.39 -13.04
N PRO A 692 -21.26 16.49 -13.76
CA PRO A 692 -20.18 17.08 -14.57
C PRO A 692 -19.08 17.74 -13.76
N SER A 693 -19.24 17.85 -12.45
CA SER A 693 -18.19 18.42 -11.62
C SER A 693 -17.28 17.37 -11.03
N VAL A 694 -17.54 16.09 -11.30
CA VAL A 694 -16.62 15.02 -10.95
C VAL A 694 -16.08 14.44 -12.25
N ASN A 695 -14.75 14.42 -12.37
CA ASN A 695 -14.16 13.85 -13.57
C ASN A 695 -14.23 12.34 -13.57
N LEU A 696 -14.11 11.73 -12.41
CA LEU A 696 -13.99 10.28 -12.31
C LEU A 696 -14.83 9.78 -11.15
N PHE A 697 -15.38 8.58 -11.32
CA PHE A 697 -16.19 7.96 -10.28
C PHE A 697 -16.14 6.45 -10.44
N GLY A 698 -16.16 5.74 -9.31
CA GLY A 698 -15.91 4.31 -9.32
C GLY A 698 -17.19 3.48 -9.33
N HIS A 699 -16.98 2.18 -9.41
CA HIS A 699 -18.06 1.17 -9.32
C HIS A 699 -17.42 0.01 -8.60
N VAL A 700 -18.02 -0.46 -7.52
CA VAL A 700 -17.41 -1.58 -6.75
C VAL A 700 -17.89 -2.91 -7.30
N GLY A 701 -16.97 -3.74 -7.75
CA GLY A 701 -17.32 -5.03 -8.34
C GLY A 701 -17.94 -5.96 -7.34
N SER A 702 -18.82 -6.83 -7.82
CA SER A 702 -19.54 -7.81 -6.97
C SER A 702 -18.54 -8.74 -6.31
N THR A 703 -17.53 -9.16 -7.04
CA THR A 703 -16.61 -10.16 -6.45
C THR A 703 -15.18 -9.73 -6.65
N THR A 704 -14.27 -10.33 -5.89
CA THR A 704 -12.83 -10.03 -5.98
C THR A 704 -12.35 -10.39 -7.37
N ALA A 705 -12.79 -11.52 -7.90
CA ALA A 705 -12.24 -11.95 -9.19
C ALA A 705 -12.71 -11.01 -10.28
N SER A 706 -13.66 -10.17 -9.99
CA SER A 706 -14.08 -9.27 -11.08
C SER A 706 -13.87 -7.83 -10.60
N ARG A 707 -12.86 -7.62 -9.79
CA ARG A 707 -12.66 -6.28 -9.20
C ARG A 707 -12.42 -5.23 -10.28
N GLY A 708 -11.73 -5.55 -11.35
CA GLY A 708 -11.46 -4.51 -12.36
C GLY A 708 -12.46 -4.42 -13.48
N GLU A 709 -13.51 -5.23 -13.50
CA GLU A 709 -14.40 -5.10 -14.67
C GLU A 709 -15.11 -3.75 -14.56
N LEU A 710 -14.83 -2.87 -15.50
CA LEU A 710 -15.38 -1.50 -15.57
C LEU A 710 -15.49 -0.91 -14.19
N PHE A 711 -14.39 -0.87 -13.46
CA PHE A 711 -14.44 -0.36 -12.07
C PHE A 711 -14.18 1.13 -11.99
N LEU A 712 -14.02 1.84 -13.10
CA LEU A 712 -13.74 3.29 -12.95
C LEU A 712 -14.19 4.01 -14.21
N PHE A 713 -14.81 5.17 -14.09
CA PHE A 713 -15.38 5.89 -15.23
C PHE A 713 -14.85 7.32 -15.25
N TRP A 714 -14.54 7.85 -16.45
CA TRP A 714 -13.93 9.17 -16.59
C TRP A 714 -14.81 10.08 -17.43
N ASN A 715 -15.02 11.30 -16.93
CA ASN A 715 -15.63 12.43 -17.66
C ASN A 715 -14.54 13.45 -17.87
N LEU A 716 -13.93 13.47 -19.04
CA LEU A 716 -12.81 14.38 -19.24
C LEU A 716 -13.07 15.45 -20.27
N TYR A 717 -14.13 15.34 -21.05
CA TYR A 717 -14.18 15.94 -22.35
C TYR A 717 -15.28 16.99 -22.43
N LYS A 718 -15.06 17.97 -23.32
CA LYS A 718 -16.09 18.98 -23.57
C LYS A 718 -17.31 18.29 -24.18
N ALA A 719 -17.08 17.29 -25.02
CA ALA A 719 -18.13 16.41 -25.52
C ALA A 719 -18.60 15.47 -24.41
N PRO A 720 -19.72 14.80 -24.61
CA PRO A 720 -20.37 14.03 -23.50
C PRO A 720 -19.95 12.56 -23.56
N ILE A 721 -18.74 12.32 -23.08
CA ILE A 721 -18.15 11.00 -23.16
C ILE A 721 -17.72 10.55 -21.80
N LEU A 722 -18.23 9.40 -21.42
CA LEU A 722 -17.78 8.65 -20.26
C LEU A 722 -16.90 7.52 -20.74
N LEU A 723 -15.85 7.24 -19.98
CA LEU A 723 -14.79 6.35 -20.41
C LEU A 723 -14.57 5.33 -19.31
N ALA A 724 -14.71 4.04 -19.63
CA ALA A 724 -14.74 2.96 -18.65
C ALA A 724 -13.46 2.12 -18.69
N LEU A 725 -12.80 1.97 -17.54
CA LEU A 725 -11.56 1.20 -17.46
C LEU A 725 -11.78 -0.26 -17.11
N VAL A 726 -10.96 -1.15 -17.69
CA VAL A 726 -10.97 -2.57 -17.39
C VAL A 726 -9.56 -2.97 -16.94
N ALA A 727 -9.35 -3.14 -15.64
CA ALA A 727 -8.01 -3.37 -15.09
C ALA A 727 -7.85 -4.83 -14.72
N GLY A 728 -6.76 -5.14 -14.03
CA GLY A 728 -6.46 -6.45 -13.45
C GLY A 728 -6.78 -7.59 -14.40
N GLU A 729 -7.26 -8.67 -13.82
CA GLU A 729 -7.63 -9.87 -14.58
C GLU A 729 -8.73 -9.58 -15.58
N ALA A 730 -9.63 -8.67 -15.23
CA ALA A 730 -10.73 -8.35 -16.13
C ALA A 730 -10.21 -8.02 -17.52
N ALA A 731 -9.09 -7.29 -17.58
CA ALA A 731 -8.54 -6.82 -18.85
C ALA A 731 -8.37 -7.95 -19.83
N GLY A 732 -7.59 -8.98 -19.44
CA GLY A 732 -7.31 -10.06 -20.35
C GLY A 732 -8.56 -10.83 -20.75
N ILE A 733 -9.56 -10.86 -19.85
CA ILE A 733 -10.77 -11.64 -20.08
C ILE A 733 -11.72 -10.93 -21.02
N MET A 734 -11.96 -9.65 -20.76
CA MET A 734 -12.93 -8.90 -21.55
C MET A 734 -12.52 -8.78 -23.01
N GLU A 735 -11.29 -9.14 -23.37
CA GLU A 735 -10.93 -9.09 -24.77
C GLU A 735 -11.50 -10.26 -25.56
N ASN A 736 -11.86 -11.36 -24.88
CA ASN A 736 -12.59 -12.49 -25.46
C ASN A 736 -14.09 -12.29 -25.51
N ILE A 737 -14.59 -11.10 -25.20
CA ILE A 737 -16.02 -10.87 -25.13
C ILE A 737 -16.36 -9.72 -26.07
N SER A 738 -17.54 -9.77 -26.69
CA SER A 738 -17.98 -8.84 -27.72
C SER A 738 -18.07 -7.41 -27.22
N ASP A 739 -18.07 -6.48 -28.17
CA ASP A 739 -18.26 -5.07 -27.84
C ASP A 739 -19.65 -4.86 -27.24
N ASP A 740 -20.66 -5.46 -27.87
CA ASP A 740 -22.04 -5.34 -27.39
C ASP A 740 -22.15 -5.86 -25.96
N VAL A 741 -21.74 -7.11 -25.74
CA VAL A 741 -21.80 -7.69 -24.39
C VAL A 741 -21.04 -6.79 -23.43
N ILE A 742 -19.90 -6.30 -23.86
CA ILE A 742 -19.11 -5.43 -22.95
C ILE A 742 -19.88 -4.14 -22.79
N VAL A 743 -20.42 -3.62 -23.87
CA VAL A 743 -21.14 -2.34 -23.74
C VAL A 743 -22.36 -2.53 -22.83
N GLY A 744 -23.06 -3.65 -22.97
CA GLY A 744 -24.23 -3.96 -22.14
C GLY A 744 -23.89 -3.80 -20.68
N ARG A 745 -22.90 -4.55 -20.22
CA ARG A 745 -22.52 -4.47 -18.80
C ARG A 745 -22.18 -3.04 -18.45
N CYS A 746 -21.94 -2.22 -19.45
CA CYS A 746 -21.58 -0.82 -19.14
C CYS A 746 -22.85 -0.06 -18.83
N LEU A 747 -23.83 -0.21 -19.70
CA LEU A 747 -25.11 0.49 -19.52
C LEU A 747 -25.67 0.08 -18.17
N ALA A 748 -25.74 -1.23 -17.94
CA ALA A 748 -26.24 -1.84 -16.70
C ALA A 748 -25.69 -1.09 -15.51
N ILE A 749 -24.37 -1.03 -15.42
CA ILE A 749 -23.74 -0.36 -14.25
C ILE A 749 -24.17 1.09 -14.24
N LEU A 750 -24.10 1.72 -15.39
CA LEU A 750 -24.49 3.13 -15.45
C LEU A 750 -25.95 3.22 -15.05
N LYS A 751 -26.77 2.31 -15.59
CA LYS A 751 -28.21 2.30 -15.26
C LYS A 751 -28.33 2.20 -13.75
N GLY A 752 -27.69 1.22 -13.14
CA GLY A 752 -27.79 1.07 -11.68
C GLY A 752 -27.42 2.32 -10.91
N ILE A 753 -26.37 3.03 -11.30
CA ILE A 753 -25.99 4.22 -10.50
C ILE A 753 -26.83 5.43 -10.90
N PHE A 754 -27.58 5.37 -11.99
CA PHE A 754 -28.30 6.63 -12.33
C PHE A 754 -29.78 6.41 -12.59
N GLY A 755 -30.22 5.16 -12.60
CA GLY A 755 -31.62 4.80 -12.86
C GLY A 755 -31.83 4.50 -14.32
N SER A 756 -32.43 3.33 -14.64
CA SER A 756 -32.71 2.90 -16.01
C SER A 756 -33.16 4.05 -16.89
N SER A 757 -33.84 5.01 -16.29
CA SER A 757 -34.43 6.10 -17.08
C SER A 757 -33.37 6.93 -17.79
N ALA A 758 -32.43 7.51 -17.06
CA ALA A 758 -31.46 8.48 -17.62
C ALA A 758 -30.27 7.87 -18.37
N VAL A 759 -30.30 6.60 -18.77
CA VAL A 759 -29.14 6.06 -19.52
C VAL A 759 -29.57 5.84 -20.96
N PRO A 760 -29.24 6.77 -21.87
CA PRO A 760 -29.64 6.67 -23.27
C PRO A 760 -28.79 5.64 -23.99
N GLN A 761 -29.22 5.15 -25.14
CA GLN A 761 -28.31 4.21 -25.83
C GLN A 761 -27.08 4.99 -26.27
N PRO A 762 -25.87 4.46 -26.12
CA PRO A 762 -24.67 5.17 -26.52
C PRO A 762 -24.69 5.30 -28.04
N LYS A 763 -24.31 6.46 -28.54
CA LYS A 763 -24.32 6.69 -30.00
C LYS A 763 -23.16 5.95 -30.65
N GLU A 764 -21.96 6.08 -30.08
CA GLU A 764 -20.76 5.43 -30.63
C GLU A 764 -20.02 4.67 -29.53
N THR A 765 -19.66 3.43 -29.80
CA THR A 765 -18.96 2.59 -28.84
C THR A 765 -17.63 2.18 -29.46
N VAL A 766 -16.57 2.30 -28.68
CA VAL A 766 -15.24 1.83 -29.04
C VAL A 766 -14.71 1.06 -27.84
N VAL A 767 -14.15 -0.12 -28.06
CA VAL A 767 -13.58 -0.86 -26.94
C VAL A 767 -12.18 -1.34 -27.32
N SER A 768 -11.17 -0.87 -26.59
CA SER A 768 -9.79 -1.23 -26.86
C SER A 768 -9.55 -2.70 -26.52
N ARG A 769 -8.57 -3.30 -27.20
CA ARG A 769 -8.15 -4.67 -26.94
C ARG A 769 -6.63 -4.67 -27.21
N TRP A 770 -5.89 -4.15 -26.22
CA TRP A 770 -4.47 -3.87 -26.40
C TRP A 770 -3.65 -5.16 -26.42
N ARG A 771 -4.04 -6.16 -25.65
CA ARG A 771 -3.20 -7.37 -25.67
C ARG A 771 -3.35 -8.03 -27.02
N ALA A 772 -4.53 -7.93 -27.58
CA ALA A 772 -4.82 -8.51 -28.90
C ALA A 772 -4.04 -7.80 -29.99
N ASP A 773 -3.90 -6.49 -29.87
CA ASP A 773 -3.22 -5.71 -30.93
C ASP A 773 -1.83 -6.28 -31.14
N PRO A 774 -1.42 -6.59 -32.37
CA PRO A 774 -0.13 -7.18 -32.59
C PRO A 774 1.00 -6.17 -32.70
N TRP A 775 0.67 -4.89 -32.72
CA TRP A 775 1.71 -3.84 -32.78
C TRP A 775 2.01 -3.35 -31.37
N ALA A 776 1.37 -3.93 -30.38
CA ALA A 776 1.63 -3.57 -28.98
C ALA A 776 1.75 -4.85 -28.19
N ARG A 777 0.74 -5.71 -28.31
CA ARG A 777 0.64 -6.99 -27.57
C ARG A 777 0.67 -6.73 -26.07
N GLY A 778 0.02 -5.68 -25.62
CA GLY A 778 0.01 -5.25 -24.22
C GLY A 778 -0.19 -3.76 -24.12
N SER A 779 -0.17 -3.24 -22.91
CA SER A 779 -0.37 -1.82 -22.66
C SER A 779 0.95 -1.14 -22.21
N TYR A 780 1.47 -1.47 -21.05
CA TYR A 780 2.78 -0.97 -20.71
C TYR A 780 3.47 -1.92 -19.75
N SER A 781 4.71 -1.61 -19.44
CA SER A 781 5.53 -2.50 -18.67
C SER A 781 5.25 -2.34 -17.18
N TYR A 782 5.73 -3.29 -16.39
CA TYR A 782 5.53 -3.28 -14.95
C TYR A 782 6.66 -4.11 -14.38
N VAL A 783 7.05 -3.81 -13.15
CA VAL A 783 8.20 -4.54 -12.63
C VAL A 783 7.65 -5.88 -12.15
N ALA A 784 7.88 -6.93 -12.93
CA ALA A 784 7.36 -8.23 -12.56
C ALA A 784 8.10 -8.77 -11.36
N ALA A 785 7.45 -9.66 -10.65
CA ALA A 785 8.15 -10.36 -9.59
C ALA A 785 9.30 -11.13 -10.21
N GLY A 786 10.46 -11.07 -9.55
CA GLY A 786 11.67 -11.59 -10.12
C GLY A 786 12.38 -10.63 -11.04
N SER A 787 11.73 -9.54 -11.42
CA SER A 787 12.41 -8.51 -12.19
C SER A 787 12.85 -7.42 -11.22
N SER A 788 13.47 -6.43 -11.79
CA SER A 788 13.99 -5.30 -10.99
C SER A 788 14.10 -4.08 -11.88
N GLY A 789 14.67 -3.02 -11.36
CA GLY A 789 14.84 -1.83 -12.21
C GLY A 789 16.04 -2.00 -13.11
N ASN A 790 16.96 -2.91 -12.79
CA ASN A 790 18.15 -3.17 -13.62
C ASN A 790 17.74 -3.76 -14.95
N ASP A 791 16.64 -4.50 -15.02
CA ASP A 791 16.18 -5.06 -16.31
C ASP A 791 15.91 -3.93 -17.28
N TYR A 792 15.33 -2.82 -16.85
CA TYR A 792 15.16 -1.68 -17.78
C TYR A 792 16.53 -1.24 -18.27
N ASP A 793 17.52 -1.15 -17.39
CA ASP A 793 18.89 -0.77 -17.80
C ASP A 793 19.34 -1.76 -18.87
N LEU A 794 19.33 -3.05 -18.59
CA LEU A 794 19.55 -4.07 -19.61
C LEU A 794 18.83 -3.70 -20.92
N MET A 795 17.50 -3.54 -20.93
CA MET A 795 16.86 -3.18 -22.19
C MET A 795 17.52 -2.05 -22.94
N ALA A 796 18.07 -1.07 -22.26
CA ALA A 796 18.56 0.05 -23.03
C ALA A 796 20.02 -0.10 -23.49
N GLN A 797 20.76 -1.06 -22.96
CA GLN A 797 22.15 -1.18 -23.44
C GLN A 797 22.05 -1.60 -24.89
N PRO A 798 22.79 -0.99 -25.82
CA PRO A 798 22.68 -1.31 -27.21
C PRO A 798 23.49 -2.55 -27.58
N ILE A 799 23.34 -3.03 -28.80
CA ILE A 799 24.03 -4.28 -29.19
C ILE A 799 25.13 -4.04 -30.19
N THR A 800 26.30 -4.58 -29.91
CA THR A 800 27.43 -4.46 -30.84
C THR A 800 27.62 -5.83 -31.46
N PRO A 801 27.56 -5.98 -32.79
CA PRO A 801 27.69 -7.26 -33.42
C PRO A 801 29.13 -7.78 -33.46
N GLY A 802 29.31 -9.00 -33.90
CA GLY A 802 30.67 -9.56 -33.94
C GLY A 802 31.43 -9.04 -35.13
N PRO A 803 32.76 -9.21 -35.19
CA PRO A 803 33.50 -8.70 -36.31
C PRO A 803 33.19 -9.59 -37.51
N SER A 804 33.12 -9.01 -38.69
CA SER A 804 32.81 -9.80 -39.91
C SER A 804 34.00 -10.70 -40.17
N ILE A 805 35.16 -10.09 -40.40
CA ILE A 805 36.40 -10.88 -40.62
C ILE A 805 36.94 -11.19 -39.24
N PRO A 806 37.14 -12.46 -38.85
CA PRO A 806 37.67 -12.76 -37.54
C PRO A 806 39.05 -12.12 -37.39
N GLY A 807 39.28 -11.51 -36.24
CA GLY A 807 40.56 -10.84 -35.97
C GLY A 807 40.46 -9.37 -36.30
N ALA A 808 39.29 -8.91 -36.71
CA ALA A 808 39.19 -7.48 -37.01
C ALA A 808 38.90 -6.76 -35.70
N PRO A 809 39.11 -5.44 -35.63
CA PRO A 809 38.90 -4.73 -34.41
C PRO A 809 37.43 -4.71 -34.00
N GLN A 810 37.21 -4.69 -32.69
CA GLN A 810 35.88 -4.63 -32.04
C GLN A 810 35.09 -3.49 -32.68
N PRO A 811 33.95 -3.77 -33.31
CA PRO A 811 33.22 -2.74 -34.00
C PRO A 811 32.37 -1.78 -33.17
N ILE A 812 31.64 -0.94 -33.87
CA ILE A 812 30.72 0.04 -33.26
C ILE A 812 29.44 -0.70 -32.90
N PRO A 813 28.61 -0.20 -31.97
CA PRO A 813 27.37 -0.83 -31.65
C PRO A 813 26.40 -0.44 -32.76
N ARG A 814 25.49 -1.32 -33.15
CA ARG A 814 24.63 -1.00 -34.31
C ARG A 814 23.14 -1.05 -33.96
N LEU A 815 22.77 -1.73 -32.89
CA LEU A 815 21.33 -1.86 -32.58
C LEU A 815 21.03 -1.14 -31.27
N PHE A 816 20.17 -0.13 -31.30
CA PHE A 816 19.84 0.64 -30.08
C PHE A 816 18.38 0.46 -29.72
N PHE A 817 18.04 0.68 -28.47
CA PHE A 817 16.68 0.42 -27.99
C PHE A 817 16.12 1.61 -27.24
N ALA A 818 14.92 1.98 -27.60
CA ALA A 818 14.22 3.05 -26.87
C ALA A 818 12.80 2.59 -26.58
N GLY A 819 12.00 3.46 -25.99
CA GLY A 819 10.62 3.07 -25.64
C GLY A 819 10.43 3.08 -24.14
N GLU A 820 9.20 3.00 -23.67
CA GLU A 820 8.94 3.10 -22.22
C GLU A 820 9.56 1.94 -21.47
N HIS A 821 9.96 0.87 -22.13
CA HIS A 821 10.49 -0.25 -21.31
C HIS A 821 11.99 -0.11 -21.11
N THR A 822 12.61 0.94 -21.62
CA THR A 822 14.06 1.11 -21.49
C THR A 822 14.40 2.14 -20.43
N ILE A 823 13.45 2.94 -20.01
CA ILE A 823 13.82 4.00 -19.04
C ILE A 823 13.37 3.59 -17.65
N ARG A 824 14.33 3.15 -16.87
CA ARG A 824 14.15 2.58 -15.52
C ARG A 824 13.55 3.57 -14.56
N ASN A 825 13.82 4.84 -14.73
CA ASN A 825 13.31 5.78 -13.71
C ASN A 825 11.96 6.33 -14.11
N TYR A 826 11.50 6.13 -15.34
CA TYR A 826 10.22 6.74 -15.74
C TYR A 826 9.46 5.78 -16.64
N PRO A 827 9.34 4.49 -16.33
CA PRO A 827 8.67 3.57 -17.19
C PRO A 827 7.15 3.73 -17.33
N ALA A 828 6.64 3.06 -18.34
CA ALA A 828 5.21 3.01 -18.67
C ALA A 828 4.59 4.40 -18.66
N THR A 829 5.20 5.37 -19.31
CA THR A 829 4.59 6.72 -19.33
C THR A 829 4.94 7.37 -20.65
N VAL A 830 4.17 8.34 -21.09
CA VAL A 830 4.57 8.94 -22.39
C VAL A 830 5.86 9.69 -22.18
N HIS A 831 6.01 10.40 -21.08
CA HIS A 831 7.25 11.16 -20.88
C HIS A 831 8.45 10.21 -20.81
N GLY A 832 8.30 9.07 -20.18
CA GLY A 832 9.43 8.14 -20.12
C GLY A 832 9.84 7.74 -21.51
N ALA A 833 8.87 7.40 -22.33
CA ALA A 833 9.15 6.99 -23.72
C ALA A 833 9.94 8.11 -24.35
N LEU A 834 9.36 9.28 -24.36
CA LEU A 834 9.99 10.45 -24.93
C LEU A 834 11.41 10.64 -24.40
N LEU A 835 11.60 10.54 -23.09
CA LEU A 835 12.97 10.74 -22.63
C LEU A 835 13.89 9.67 -23.21
N SER A 836 13.38 8.46 -23.46
CA SER A 836 14.29 7.42 -23.91
C SER A 836 14.67 7.64 -25.38
N GLY A 837 13.73 8.15 -26.18
CA GLY A 837 14.07 8.57 -27.52
C GLY A 837 15.13 9.67 -27.53
N LEU A 838 14.92 10.72 -26.75
CA LEU A 838 15.96 11.72 -26.61
C LEU A 838 17.26 11.08 -26.21
N ARG A 839 17.20 10.13 -25.30
CA ARG A 839 18.45 9.54 -24.79
C ARG A 839 19.18 8.78 -25.88
N GLU A 840 18.51 7.92 -26.61
CA GLU A 840 19.26 7.12 -27.59
C GLU A 840 19.77 8.03 -28.69
N ALA A 841 18.98 9.00 -29.10
CA ALA A 841 19.42 9.92 -30.18
C ALA A 841 20.75 10.50 -29.79
N GLY A 842 20.87 11.06 -28.61
CA GLY A 842 22.17 11.59 -28.21
C GLY A 842 23.24 10.52 -28.20
N ARG A 843 22.93 9.32 -27.78
CA ARG A 843 23.99 8.29 -27.72
C ARG A 843 24.32 7.83 -29.13
N ILE A 844 23.36 7.86 -30.04
CA ILE A 844 23.67 7.43 -31.43
C ILE A 844 24.49 8.53 -32.06
N ALA A 845 24.10 9.78 -31.85
CA ALA A 845 24.83 10.93 -32.42
C ALA A 845 26.28 10.89 -31.96
N ASP A 846 26.49 10.64 -30.68
CA ASP A 846 27.83 10.53 -30.07
C ASP A 846 28.64 9.41 -30.73
N GLN A 847 28.04 8.35 -31.23
CA GLN A 847 28.85 7.27 -31.82
C GLN A 847 29.09 7.47 -33.30
N PHE A 848 28.25 8.22 -34.00
CA PHE A 848 28.40 8.30 -35.44
C PHE A 848 28.71 9.70 -35.92
N LEU A 849 28.38 10.72 -35.14
CA LEU A 849 28.84 12.08 -35.42
C LEU A 849 29.99 12.49 -34.52
N GLY A 850 30.36 11.67 -33.53
CA GLY A 850 31.45 11.99 -32.63
C GLY A 850 31.09 13.08 -31.63
N ALA A 851 31.61 12.94 -30.42
CA ALA A 851 31.26 13.81 -29.31
C ALA A 851 32.44 14.78 -29.05
N MET A 852 32.35 15.98 -29.64
CA MET A 852 33.47 16.92 -29.59
C MET A 852 33.59 17.65 -28.25
N TYR A 853 32.54 17.64 -27.41
CA TYR A 853 32.47 18.33 -26.12
C TYR A 853 33.16 17.55 -24.96
N THR A 854 34.05 16.60 -25.26
CA THR A 854 34.76 15.86 -24.23
C THR A 854 36.17 16.37 -23.95
N LEU A 855 36.78 17.13 -24.88
CA LEU A 855 38.11 17.74 -24.66
C LEU A 855 38.12 18.95 -23.69
N ARG B 12 11.62 1.79 10.90
CA ARG B 12 11.90 0.81 11.96
C ARG B 12 10.73 -0.12 12.31
N LYS B 13 9.50 0.39 12.28
CA LYS B 13 8.39 -0.34 12.86
C LYS B 13 7.13 -0.15 12.02
N PRO B 14 6.19 -1.09 12.08
CA PRO B 14 5.06 -1.12 11.13
C PRO B 14 4.12 0.05 11.36
N PRO B 15 3.11 0.24 10.51
CA PRO B 15 2.08 1.23 10.84
C PRO B 15 1.36 0.75 12.08
N LYS B 16 0.73 1.69 12.76
CA LYS B 16 0.10 1.36 14.03
C LYS B 16 -1.21 0.60 13.80
N GLY B 17 -1.51 -0.34 14.70
CA GLY B 17 -2.64 -1.24 14.58
C GLY B 17 -2.36 -2.48 13.75
N MET B 18 -1.45 -2.36 12.78
CA MET B 18 -0.91 -3.50 12.07
C MET B 18 -0.02 -4.32 13.00
N PHE B 19 -0.20 -5.62 13.00
CA PHE B 19 0.46 -6.46 13.99
C PHE B 19 1.30 -7.49 13.26
N LEU B 20 2.42 -7.03 12.74
CA LEU B 20 3.22 -7.93 11.89
C LEU B 20 4.42 -8.41 12.68
N SER B 21 4.26 -9.54 13.35
CA SER B 21 5.40 -10.06 14.10
C SER B 21 6.34 -10.68 13.10
N GLN B 22 7.61 -10.73 13.45
CA GLN B 22 8.52 -11.46 12.55
C GLN B 22 8.07 -12.91 12.60
N GLU B 23 7.85 -13.45 13.79
CA GLU B 23 7.46 -14.87 13.98
C GLU B 23 6.07 -15.21 13.44
N ASP B 24 5.18 -14.25 13.23
CA ASP B 24 3.83 -14.69 12.82
C ASP B 24 3.79 -15.00 11.34
N VAL B 25 4.52 -14.21 10.56
CA VAL B 25 4.49 -14.30 9.08
C VAL B 25 4.90 -15.71 8.64
N GLU B 26 5.94 -16.24 9.26
CA GLU B 26 6.42 -17.59 8.89
C GLU B 26 5.29 -18.59 9.14
N ALA B 27 4.62 -18.45 10.27
CA ALA B 27 3.52 -19.38 10.63
C ALA B 27 2.44 -19.31 9.57
N VAL B 28 2.10 -18.13 9.05
CA VAL B 28 1.05 -18.13 8.01
C VAL B 28 1.68 -18.37 6.63
N SER B 29 3.01 -18.32 6.54
CA SER B 29 3.64 -18.59 5.23
C SER B 29 4.15 -20.02 5.14
N ALA B 30 4.08 -20.78 6.22
CA ALA B 30 4.69 -22.12 6.23
C ALA B 30 4.08 -23.03 5.16
N ASN B 31 2.79 -22.96 4.89
CA ASN B 31 2.25 -23.87 3.86
C ASN B 31 1.11 -23.17 3.11
N ALA B 32 0.63 -23.76 2.04
CA ALA B 32 -0.39 -23.07 1.22
C ALA B 32 -1.65 -22.81 2.04
N THR B 33 -2.09 -23.78 2.81
CA THR B 33 -3.34 -23.68 3.63
C THR B 33 -3.00 -23.35 5.08
N ALA B 34 -1.73 -23.05 5.35
CA ALA B 34 -1.32 -22.76 6.75
C ALA B 34 -2.09 -21.55 7.26
N ALA B 35 -2.27 -20.54 6.43
CA ALA B 35 -3.03 -19.34 6.84
C ALA B 35 -4.40 -19.77 7.33
N THR B 36 -5.24 -20.31 6.45
CA THR B 36 -6.55 -20.66 6.98
C THR B 36 -6.49 -21.75 8.04
N THR B 37 -5.35 -22.40 8.25
CA THR B 37 -5.19 -23.29 9.39
C THR B 37 -5.23 -22.48 10.67
N VAL B 38 -4.20 -21.65 10.92
CA VAL B 38 -4.11 -20.88 12.15
C VAL B 38 -5.36 -20.03 12.37
N LEU B 39 -5.94 -19.50 11.29
CA LEU B 39 -7.10 -18.63 11.42
C LEU B 39 -8.33 -19.35 11.96
N ARG B 40 -8.48 -20.65 11.69
CA ARG B 40 -9.61 -21.43 12.17
C ARG B 40 -9.30 -22.22 13.43
N GLN B 41 -8.03 -22.56 13.64
CA GLN B 41 -7.51 -22.99 14.93
C GLN B 41 -7.88 -22.01 16.05
N LEU B 42 -8.00 -20.72 15.73
CA LEU B 42 -8.45 -19.77 16.71
C LEU B 42 -9.95 -19.55 16.65
N ASP B 43 -10.52 -19.83 15.49
CA ASP B 43 -11.98 -19.64 15.37
C ASP B 43 -12.61 -20.67 16.29
N MET B 44 -11.99 -21.85 16.36
CA MET B 44 -12.54 -22.93 17.21
C MET B 44 -12.22 -22.63 18.67
N GLU B 45 -10.98 -22.22 18.94
CA GLU B 45 -10.60 -21.89 20.33
C GLU B 45 -11.50 -20.80 20.88
N LEU B 46 -11.84 -19.80 20.10
CA LEU B 46 -12.76 -18.76 20.61
C LEU B 46 -14.05 -19.44 21.04
N VAL B 47 -14.61 -20.30 20.19
CA VAL B 47 -15.88 -21.00 20.55
C VAL B 47 -15.73 -21.69 21.90
N SER B 48 -14.65 -22.44 22.07
CA SER B 48 -14.38 -23.15 23.34
C SER B 48 -14.51 -22.19 24.52
N VAL B 49 -13.84 -21.04 24.46
CA VAL B 49 -13.97 -20.11 25.61
C VAL B 49 -15.41 -19.67 25.74
N LYS B 50 -16.07 -19.34 24.64
CA LYS B 50 -17.47 -18.89 24.71
C LYS B 50 -18.29 -19.96 25.40
N ARG B 51 -18.15 -21.22 24.98
CA ARG B 51 -18.83 -22.36 25.63
C ARG B 51 -18.53 -22.30 27.12
N GLN B 52 -17.25 -22.24 27.46
CA GLN B 52 -16.82 -22.18 28.87
C GLN B 52 -17.46 -20.99 29.58
N ILE B 53 -17.52 -19.84 28.94
CA ILE B 53 -18.12 -18.66 29.62
C ILE B 53 -19.57 -18.98 29.99
N GLN B 54 -20.34 -19.58 29.10
CA GLN B 54 -21.76 -19.86 29.40
C GLN B 54 -21.83 -20.72 30.65
N ASN B 55 -21.06 -21.78 30.67
CA ASN B 55 -21.05 -22.75 31.79
C ASN B 55 -20.88 -22.04 33.11
N ILE B 56 -19.72 -21.43 33.32
CA ILE B 56 -19.50 -20.75 34.62
C ILE B 56 -20.57 -19.69 34.80
N LYS B 57 -21.04 -19.07 33.74
CA LYS B 57 -22.11 -18.12 33.95
C LYS B 57 -23.33 -18.82 34.53
N GLN B 58 -23.49 -20.09 34.19
CA GLN B 58 -24.65 -20.84 34.74
C GLN B 58 -24.31 -21.22 36.18
N THR B 59 -23.19 -21.92 36.35
CA THR B 59 -22.71 -22.36 37.67
C THR B 59 -22.73 -21.19 38.64
N ASN B 60 -22.13 -20.07 38.26
CA ASN B 60 -22.18 -18.90 39.17
C ASN B 60 -23.64 -18.48 39.35
N SER B 61 -24.46 -18.49 38.31
CA SER B 61 -25.87 -18.07 38.52
C SER B 61 -26.55 -18.98 39.54
N ALA B 62 -26.33 -20.28 39.45
CA ALA B 62 -26.95 -21.21 40.42
C ALA B 62 -26.53 -20.83 41.83
N LEU B 63 -25.25 -20.66 42.09
CA LEU B 63 -24.76 -20.30 43.44
C LEU B 63 -25.44 -19.03 43.94
N LYS B 64 -25.59 -18.03 43.08
CA LYS B 64 -26.29 -16.77 43.46
C LYS B 64 -27.65 -17.12 44.07
N GLU B 65 -28.44 -17.97 43.42
CA GLU B 65 -29.77 -18.32 43.96
C GLU B 65 -29.66 -18.84 45.40
N LYS B 66 -28.72 -19.74 45.66
CA LYS B 66 -28.58 -20.31 47.02
C LYS B 66 -28.39 -19.20 48.05
N LEU B 67 -27.63 -18.17 47.72
CA LEU B 67 -27.37 -17.13 48.70
C LEU B 67 -28.55 -16.20 48.88
N ASP B 68 -29.73 -16.58 48.40
CA ASP B 68 -30.88 -15.71 48.54
C ASP B 68 -31.32 -15.58 49.99
N GLY B 69 -31.57 -14.33 50.35
CA GLY B 69 -31.87 -13.93 51.72
C GLY B 69 -30.63 -13.37 52.37
N GLY B 70 -29.48 -13.57 51.74
CA GLY B 70 -28.23 -13.09 52.34
C GLY B 70 -28.09 -13.70 53.71
N ILE B 71 -27.81 -12.89 54.72
CA ILE B 71 -27.74 -13.45 56.09
C ILE B 71 -28.50 -12.52 57.02
N GLU B 72 -29.40 -11.72 56.46
CA GLU B 72 -30.17 -10.74 57.27
C GLU B 72 -30.87 -11.46 58.42
N PRO B 73 -31.57 -12.57 58.17
CA PRO B 73 -32.24 -13.31 59.24
C PRO B 73 -31.31 -13.83 60.33
N TYR B 74 -30.06 -14.14 59.98
CA TYR B 74 -29.08 -14.69 60.93
C TYR B 74 -28.20 -13.56 61.48
N ARG B 75 -28.66 -12.33 61.42
CA ARG B 75 -27.81 -11.22 61.92
C ARG B 75 -28.18 -10.89 63.36
N LEU B 76 -27.23 -10.40 64.13
CA LEU B 76 -27.52 -10.10 65.54
C LEU B 76 -27.30 -8.62 65.79
N PRO B 77 -28.19 -7.96 66.57
CA PRO B 77 -28.02 -6.56 66.91
C PRO B 77 -26.72 -6.35 67.68
N GLU B 78 -26.04 -5.24 67.43
CA GLU B 78 -24.74 -4.97 68.08
C GLU B 78 -24.93 -4.37 69.46
N VAL B 79 -24.15 -4.87 70.42
CA VAL B 79 -24.24 -4.37 71.82
C VAL B 79 -23.33 -3.15 71.88
N ILE B 80 -23.77 -2.12 72.59
CA ILE B 80 -23.02 -0.88 72.74
C ILE B 80 -22.78 -0.68 74.23
N GLN B 81 -21.84 -1.41 74.82
CA GLN B 81 -21.65 -1.31 76.26
C GLN B 81 -20.32 -0.64 76.58
N LYS B 82 -20.39 0.36 77.45
CA LYS B 82 -19.24 1.22 77.75
C LYS B 82 -18.14 0.41 78.43
N CYS B 83 -16.95 0.46 77.86
CA CYS B 83 -15.88 -0.39 78.43
C CYS B 83 -15.62 0.03 79.87
N ASN B 84 -15.55 -0.94 80.78
CA ASN B 84 -15.25 -0.70 82.22
C ASN B 84 -13.78 -1.07 82.47
N ALA B 85 -13.29 -0.94 83.70
CA ALA B 85 -11.89 -1.29 83.96
C ALA B 85 -11.80 -2.16 85.21
N ARG B 86 -12.92 -2.31 85.92
CA ARG B 86 -12.90 -3.18 87.11
C ARG B 86 -13.21 -4.60 86.64
N TRP B 87 -12.57 -5.59 87.23
CA TRP B 87 -12.84 -6.99 86.81
C TRP B 87 -13.77 -7.65 87.81
N THR B 88 -15.04 -7.87 87.44
CA THR B 88 -15.96 -8.55 88.38
C THR B 88 -15.63 -10.04 88.40
N THR B 89 -16.02 -10.73 89.47
CA THR B 89 -15.67 -12.15 89.53
C THR B 89 -16.19 -12.87 88.29
N GLU B 90 -17.38 -12.51 87.84
CA GLU B 90 -17.92 -13.02 86.59
C GLU B 90 -16.96 -12.78 85.42
N GLU B 91 -16.56 -11.52 85.23
CA GLU B 91 -15.77 -11.15 84.02
C GLU B 91 -14.49 -11.95 84.01
N GLN B 92 -13.86 -12.04 85.15
CA GLN B 92 -12.66 -12.87 85.24
C GLN B 92 -12.94 -14.26 84.72
N LEU B 93 -14.13 -14.80 85.02
CA LEU B 93 -14.43 -16.18 84.67
C LEU B 93 -14.69 -16.33 83.18
N LEU B 94 -15.50 -15.44 82.63
CA LEU B 94 -15.62 -15.34 81.17
C LEU B 94 -14.23 -15.38 80.53
N ALA B 95 -13.27 -14.70 81.15
CA ALA B 95 -11.94 -14.57 80.57
C ALA B 95 -11.23 -15.91 80.47
N VAL B 96 -11.01 -16.57 81.61
CA VAL B 96 -10.34 -17.88 81.62
C VAL B 96 -10.94 -18.82 80.57
N GLN B 97 -12.25 -18.76 80.39
CA GLN B 97 -12.85 -19.60 79.35
C GLN B 97 -12.48 -19.13 77.97
N ALA B 98 -12.48 -17.81 77.75
CA ALA B 98 -12.17 -17.29 76.44
C ALA B 98 -10.75 -17.67 76.04
N ILE B 99 -9.82 -17.60 76.99
CA ILE B 99 -8.47 -18.06 76.71
C ILE B 99 -8.49 -19.53 76.34
N ARG B 100 -9.23 -20.33 77.11
CA ARG B 100 -9.30 -21.76 76.85
C ARG B 100 -9.81 -22.07 75.45
N LYS B 101 -10.63 -21.18 74.90
CA LYS B 101 -11.23 -21.51 73.58
C LYS B 101 -10.61 -20.66 72.49
N TYR B 102 -9.84 -19.65 72.85
CA TYR B 102 -9.27 -18.81 71.77
C TYR B 102 -7.76 -18.89 71.84
N GLY B 103 -7.23 -19.08 73.04
CA GLY B 103 -5.77 -19.19 73.19
C GLY B 103 -5.09 -17.86 73.30
N ARG B 104 -5.06 -17.07 72.23
CA ARG B 104 -4.36 -15.77 72.31
C ARG B 104 -5.06 -14.74 71.44
N ASP B 105 -6.21 -15.06 70.89
CA ASP B 105 -6.82 -14.04 70.00
C ASP B 105 -7.41 -12.97 70.89
N PHE B 106 -6.61 -11.93 71.05
CA PHE B 106 -6.85 -10.80 71.95
C PHE B 106 -8.21 -10.17 71.65
N GLN B 107 -8.52 -9.96 70.38
CA GLN B 107 -9.77 -9.28 69.98
C GLN B 107 -10.95 -10.15 70.37
N ALA B 108 -10.83 -11.45 70.14
CA ALA B 108 -11.97 -12.32 70.44
C ALA B 108 -12.25 -12.24 71.93
N ILE B 109 -11.20 -12.36 72.73
CA ILE B 109 -11.38 -12.33 74.20
C ILE B 109 -11.97 -11.00 74.57
N SER B 110 -11.46 -9.90 74.02
CA SER B 110 -12.11 -8.61 74.35
C SER B 110 -13.53 -8.60 73.82
N ASP B 111 -13.76 -9.16 72.64
CA ASP B 111 -15.14 -9.18 72.10
C ASP B 111 -16.03 -9.97 73.04
N VAL B 112 -15.55 -11.09 73.55
CA VAL B 112 -16.44 -11.93 74.39
C VAL B 112 -16.86 -11.15 75.63
N ILE B 113 -15.90 -10.68 76.40
CA ILE B 113 -16.26 -9.96 77.64
C ILE B 113 -17.09 -8.74 77.28
N GLY B 114 -16.79 -8.10 76.15
CA GLY B 114 -17.54 -6.94 75.65
C GLY B 114 -17.70 -5.81 76.65
N ASN B 115 -16.66 -5.55 77.43
CA ASN B 115 -16.69 -4.49 78.45
C ASN B 115 -15.25 -4.18 78.82
N LYS B 116 -14.40 -5.19 78.73
CA LYS B 116 -12.96 -4.96 78.94
C LYS B 116 -12.31 -4.86 77.55
N SER B 117 -11.10 -4.30 77.46
CA SER B 117 -10.50 -4.13 76.13
C SER B 117 -9.22 -4.94 75.97
N VAL B 118 -8.66 -4.88 74.77
CA VAL B 118 -7.48 -5.69 74.38
C VAL B 118 -6.31 -5.27 75.24
N VAL B 119 -6.26 -3.99 75.61
CA VAL B 119 -5.09 -3.71 76.47
C VAL B 119 -5.30 -4.40 77.81
N GLN B 120 -6.48 -4.21 78.42
CA GLN B 120 -6.74 -4.84 79.74
C GLN B 120 -6.57 -6.33 79.57
N VAL B 121 -7.29 -6.86 78.57
CA VAL B 121 -7.22 -8.31 78.25
C VAL B 121 -5.77 -8.66 78.13
N LYS B 122 -5.03 -7.92 77.31
CA LYS B 122 -3.61 -8.34 77.20
C LYS B 122 -2.90 -8.20 78.54
N ASN B 123 -3.12 -7.08 79.24
CA ASN B 123 -2.51 -6.90 80.57
C ASN B 123 -2.88 -8.08 81.46
N PHE B 124 -4.19 -8.34 81.55
CA PHE B 124 -4.80 -9.35 82.45
C PHE B 124 -4.02 -10.67 82.57
N PHE B 125 -3.50 -11.24 81.48
CA PHE B 125 -2.74 -12.51 81.60
C PHE B 125 -1.59 -12.36 82.58
N VAL B 126 -0.86 -11.26 82.49
CA VAL B 126 0.30 -11.13 83.41
C VAL B 126 -0.18 -10.80 84.81
N ASN B 127 -1.26 -10.04 84.95
CA ASN B 127 -1.74 -9.71 86.32
C ASN B 127 -2.22 -10.99 86.97
N TYR B 128 -3.30 -11.54 86.45
CA TYR B 128 -3.78 -12.83 87.01
C TYR B 128 -3.01 -13.89 86.27
N ARG B 129 -1.80 -14.19 86.75
CA ARG B 129 -0.95 -15.13 86.01
C ARG B 129 -0.85 -16.41 86.82
N ARG B 130 -0.18 -16.42 87.96
CA ARG B 130 -0.12 -17.73 88.65
C ARG B 130 -1.53 -18.07 89.14
N ARG B 131 -2.31 -17.03 89.39
CA ARG B 131 -3.66 -17.18 89.99
C ARG B 131 -4.59 -17.99 89.10
N PHE B 132 -4.56 -17.77 87.79
CA PHE B 132 -5.50 -18.54 86.95
C PHE B 132 -4.79 -19.63 86.17
N ASN B 133 -3.51 -19.88 86.42
CA ASN B 133 -2.77 -20.96 85.70
C ASN B 133 -2.92 -20.79 84.19
N ILE B 134 -2.75 -19.57 83.68
CA ILE B 134 -2.99 -19.28 82.25
C ILE B 134 -2.04 -20.12 81.39
N ASP B 135 -0.80 -20.27 81.82
CA ASP B 135 0.17 -21.08 81.05
C ASP B 135 -0.40 -22.49 80.90
N GLU B 136 -0.92 -23.07 81.99
CA GLU B 136 -1.50 -24.43 81.89
C GLU B 136 -2.66 -24.38 80.91
N VAL B 137 -3.49 -23.36 81.03
CA VAL B 137 -4.66 -23.26 80.13
C VAL B 137 -4.16 -23.19 78.70
N LEU B 138 -3.27 -22.24 78.41
CA LEU B 138 -2.82 -22.01 77.02
C LEU B 138 -2.30 -23.30 76.41
N GLN B 139 -1.60 -24.13 77.18
CA GLN B 139 -1.13 -25.41 76.60
C GLN B 139 -2.35 -26.19 76.14
N GLU B 140 -3.38 -26.28 76.99
CA GLU B 140 -4.62 -26.96 76.62
C GLU B 140 -5.16 -26.35 75.34
N TRP B 141 -5.11 -25.03 75.16
CA TRP B 141 -5.65 -24.54 73.90
C TRP B 141 -4.83 -25.02 72.71
N GLU B 142 -3.50 -25.04 72.86
CA GLU B 142 -2.63 -25.41 71.74
C GLU B 142 -2.80 -26.89 71.38
N ALA B 143 -3.20 -27.73 72.34
CA ALA B 143 -3.47 -29.12 72.04
C ALA B 143 -4.46 -29.29 70.89
N GLU B 144 -5.54 -28.50 70.89
CA GLU B 144 -6.52 -28.54 69.79
C GLU B 144 -5.98 -27.75 68.59
C4 XHT C . -2.90 8.10 -14.29
C14 XHT C . -3.03 4.01 -21.42
C5 XHT C . -1.70 7.74 -15.08
C6 XHT C . -0.45 8.23 -14.75
C11 XHT C . -2.12 4.74 -18.08
C7 XHT C . 0.64 7.89 -15.50
C8 XHT C . 0.50 7.04 -16.57
C9 XHT C . -0.74 6.54 -16.93
C10 XHT C . -0.89 5.62 -18.12
C12 XHT C . -2.99 5.41 -19.12
C13 XHT C . -1.90 4.70 -21.03
N1 XHT C . -5.94 9.21 -11.94
N2 XHT C . -4.88 8.42 -12.35
C3 XHT C . -3.80 9.11 -12.41
N3 XHT C . -2.74 8.72 -13.11
C1 XHT C . -6.37 11.02 -10.36
C15 XHT C . -2.95 2.96 -22.30
C16 XHT C . -4.16 2.22 -22.72
C17 XHT C . -1.67 2.60 -22.80
C18 XHT C . -1.56 1.45 -23.75
C19 XHT C . -0.55 3.28 -22.41
C2 XHT C . -5.52 10.20 -11.28
C20 XHT C . -0.66 4.33 -21.51
C21 XHT C . 1.79 4.69 -21.60
C22 XHT C . 2.15 5.37 -22.87
C23 XHT C . 3.58 5.13 -23.33
C24 XHT C . 3.74 4.71 -24.77
C25 XHT C . 5.19 4.43 -25.12
C26 XHT C . 5.65 1.51 -30.82
C27 XHT C . 5.50 1.68 -32.31
C28 XHT C . 5.17 0.04 -33.86
C29 XHT C . 5.30 -2.44 -33.44
C30 XHT C . 6.18 -3.10 -35.24
C31 XHT C . 6.74 -3.79 -36.32
C32 XHT C . 6.93 -1.75 -37.36
C33 XHT C . 6.06 -1.75 -35.36
C34 XHT C . 3.84 0.25 -33.17
C35 XHT C . 4.06 1.72 -32.83
C36 XHT C . 0.33 6.13 -20.35
C37 XHT C . 1.09 8.14 -19.82
C38 XHT C . -1.16 7.78 -19.43
C39 XHT C . -0.90 6.31 -19.52
C40 XHT C . -1.84 6.89 -16.17
N10 XHT C . 6.41 -1.01 -36.40
N11 XHT C . 1.27 6.99 -20.37
N12 XHT C . -0.12 8.58 -19.43
N4 XHT C . -2.06 5.73 -20.17
N5 XHT C . 0.45 5.07 -21.12
N6 XHT C . 5.50 -1.33 -34.20
N7 XHT C . 5.70 -3.53 -34.03
N8 XHT C . 6.92 -5.10 -36.35
N9 XHT C . 7.11 -3.07 -37.39
O1 XHT C . -4.01 7.83 -14.69
O10 XHT C . 4.04 3.90 -28.54
O11 XHT C . 4.19 1.37 -28.62
O12 XHT C . 5.40 2.76 -30.21
O13 XHT C . 6.08 0.52 -32.93
O14 XHT C . 2.79 0.06 -34.07
O15 XHT C . 4.01 2.39 -34.08
O16 XHT C . 2.04 8.85 -19.66
O17 XHT C . -2.29 8.22 -19.40
O2 XHT C . -3.47 6.62 -18.62
O3 XHT C . 1.31 4.88 -23.81
O4 XHT C . 4.15 4.13 -22.59
O5 XHT C . 3.30 5.77 -25.59
O6 XHT C . 5.43 4.56 -26.53
O7 XHT C . 7.45 4.87 -27.89
O8 XHT C . 7.46 3.24 -26.03
O9 XHT C . 6.09 2.77 -27.96
P1 XHT C . 6.73 3.90 -27.09
P2 XHT C . 4.78 2.69 -28.80
S1 XHT C . -3.87 10.54 -11.52
C1 XHX D . -3.46 10.53 -7.07
C10 XHX D . 2.22 4.08 -14.05
C11 XHX D . 3.50 4.84 -14.04
C12 XHX D . 3.26 3.78 -12.99
C13 XHX D . 3.88 1.95 -11.78
C14 XHX D . 2.74 2.36 -10.85
C15 XHX D . 3.73 3.30 -10.16
C16 XHX D . 4.85 2.42 -10.71
C17 XHX D . 0.89 5.56 -12.56
C2 XHX D . -2.57 9.63 -7.88
C3 XHX D . -1.72 8.30 -9.59
C4 XHX D . -0.35 7.05 -11.00
C5 XHX D . -0.30 6.08 -12.11
C6 XHX D . -1.49 5.69 -12.71
C7 XHX D . -1.46 4.79 -13.75
C8 XHX D . -0.27 4.27 -14.19
C9 XHX D . 0.92 4.65 -13.61
N1 XHX D . -1.30 9.78 -8.00
N2 XHX D . -0.78 9.00 -9.02
N3 XHX D . -1.52 7.65 -10.74
N4 XHX D . 3.94 2.55 -13.09
O1 XHX D . 0.64 7.30 -10.33
S1 XHX D . -3.18 8.27 -8.74
#